data_2PZX
#
_entry.id   2PZX
#
_cell.length_a   94.233
_cell.length_b   94.233
_cell.length_c   173.833
_cell.angle_alpha   90.000
_cell.angle_beta   90.000
_cell.angle_gamma   90.000
#
_symmetry.space_group_name_H-M   'P 42'
#
_entity_poly.entity_id   1
_entity_poly.type   'polypeptide(L)'
_entity_poly.pdbx_seq_one_letter_code
;DILECDYFDTVDISAAQKLQNGSYLFEGLLVPAILTGEYDFRILPDDSKQKVARHIRGCVCKLKPCVRFCCPHDHIMDNG
VCYDNMSDEELAELDPFLNVTLDDGSVSRRHFKNELIVQWDLPMPCDGMFYLDNREEQDKYTLFENGTFFRHFDRVTLRK
REYCLQHLTFADGNATSIRIAPHNCLIV
;
_entity_poly.pdbx_strand_id   A,B,C,D
#
# COMPACT_ATOMS: atom_id res chain seq x y z
N ASP A 1 -0.58 36.75 17.70
CA ASP A 1 0.80 37.22 17.36
C ASP A 1 1.78 36.05 17.23
N ILE A 2 2.17 35.48 18.36
CA ILE A 2 3.10 34.36 18.38
C ILE A 2 2.73 33.28 17.33
N LEU A 3 3.77 32.77 16.65
CA LEU A 3 3.62 31.76 15.60
C LEU A 3 2.66 30.62 15.93
N GLU A 4 1.84 30.25 14.95
CA GLU A 4 0.87 29.18 15.06
C GLU A 4 0.43 28.81 16.47
N CYS A 5 0.30 29.81 17.34
CA CYS A 5 -0.13 29.56 18.71
C CYS A 5 -1.48 30.22 18.86
N ASP A 6 -2.47 29.48 19.36
CA ASP A 6 -3.81 30.01 19.57
C ASP A 6 -3.71 30.94 20.76
N TYR A 7 -4.51 32.01 20.78
CA TYR A 7 -4.43 32.95 21.89
C TYR A 7 -4.57 32.28 23.25
N PHE A 8 -5.80 31.86 23.56
CA PHE A 8 -6.12 31.25 24.84
C PHE A 8 -5.10 30.25 25.40
N ASP A 9 -4.06 29.96 24.62
CA ASP A 9 -3.01 29.06 25.06
C ASP A 9 -1.77 29.88 25.35
N THR A 10 -1.97 31.09 25.83
CA THR A 10 -0.87 31.98 26.15
C THR A 10 -1.03 32.53 27.56
N VAL A 11 0.00 33.23 28.05
CA VAL A 11 -0.04 33.78 29.39
C VAL A 11 0.76 35.07 29.47
N ASP A 12 0.42 35.92 30.43
CA ASP A 12 1.13 37.19 30.64
C ASP A 12 2.45 36.90 31.32
N ILE A 13 3.54 36.86 30.56
CA ILE A 13 4.85 36.57 31.16
C ILE A 13 5.72 37.80 31.40
N SER A 14 5.11 38.98 31.31
CA SER A 14 5.84 40.23 31.52
C SER A 14 6.48 40.22 32.90
N ALA A 15 6.29 39.13 33.63
CA ALA A 15 6.85 39.01 34.98
C ALA A 15 7.88 37.91 35.07
N ALA A 16 8.06 37.17 33.98
CA ALA A 16 9.03 36.08 33.95
C ALA A 16 10.44 36.63 33.74
N GLN A 17 11.44 35.86 34.15
CA GLN A 17 12.83 36.28 34.00
C GLN A 17 13.25 36.12 32.55
N LYS A 18 14.01 37.08 32.05
CA LYS A 18 14.49 37.08 30.67
C LYS A 18 15.93 36.58 30.59
N LEU A 19 16.11 35.36 30.07
CA LEU A 19 17.44 34.77 29.96
C LEU A 19 18.36 35.42 28.93
N GLN A 20 19.57 34.90 28.88
CA GLN A 20 20.63 35.35 27.99
C GLN A 20 20.40 34.92 26.54
N ASN A 21 20.20 33.62 26.32
CA ASN A 21 19.97 33.10 24.97
C ASN A 21 18.63 33.54 24.39
N GLY A 22 18.13 34.67 24.88
CA GLY A 22 16.87 35.20 24.39
C GLY A 22 15.61 34.64 25.03
N SER A 23 15.61 33.34 25.30
CA SER A 23 14.45 32.68 25.91
C SER A 23 14.14 33.24 27.29
N TYR A 24 13.01 32.83 27.85
CA TYR A 24 12.59 33.29 29.16
C TYR A 24 12.51 32.20 30.21
N LEU A 25 12.49 32.64 31.46
CA LEU A 25 12.36 31.74 32.60
C LEU A 25 11.09 32.24 33.26
N PHE A 26 10.15 31.34 33.52
CA PHE A 26 8.86 31.71 34.08
C PHE A 26 8.31 30.67 35.05
N GLU A 27 8.26 31.02 36.33
CA GLU A 27 7.77 30.11 37.34
C GLU A 27 8.46 28.77 37.21
N GLY A 28 9.79 28.79 37.09
CA GLY A 28 10.52 27.54 36.96
C GLY A 28 10.41 26.95 35.56
N LEU A 29 9.36 27.34 34.84
CA LEU A 29 9.14 26.88 33.48
C LEU A 29 10.02 27.69 32.53
N LEU A 30 10.60 27.02 31.54
CA LEU A 30 11.45 27.68 30.57
C LEU A 30 10.70 27.87 29.25
N VAL A 31 10.29 29.10 28.98
CA VAL A 31 9.55 29.38 27.77
C VAL A 31 10.52 29.70 26.66
N PRO A 32 10.69 28.79 25.69
CA PRO A 32 11.61 29.01 24.58
C PRO A 32 11.34 30.42 24.06
N ALA A 33 12.37 31.12 23.60
CA ALA A 33 12.18 32.48 23.08
C ALA A 33 11.26 32.51 21.87
N ILE A 34 11.40 31.49 21.01
CA ILE A 34 10.60 31.41 19.79
C ILE A 34 9.08 31.34 20.00
N LEU A 35 8.64 30.96 21.19
CA LEU A 35 7.19 30.86 21.49
C LEU A 35 6.65 32.10 22.19
N THR A 36 7.54 33.02 22.59
CA THR A 36 7.09 34.23 23.25
C THR A 36 6.71 35.23 22.18
N GLY A 37 5.99 36.27 22.59
CA GLY A 37 5.57 37.30 21.66
C GLY A 37 4.91 38.48 22.34
N GLU A 38 5.10 39.65 21.76
CA GLU A 38 4.53 40.88 22.27
C GLU A 38 3.08 40.98 21.83
N TYR A 39 2.28 41.72 22.57
CA TYR A 39 0.86 41.86 22.25
C TYR A 39 0.35 43.23 22.67
N ASP A 40 -0.42 43.82 21.77
CA ASP A 40 -1.04 45.12 21.98
C ASP A 40 -2.54 44.87 22.10
N PHE A 41 -2.93 43.62 21.93
CA PHE A 41 -4.34 43.26 21.98
C PHE A 41 -4.64 42.11 22.91
N ARG A 42 -5.94 41.92 23.16
CA ARG A 42 -6.45 40.83 24.00
C ARG A 42 -7.85 40.56 23.47
N ILE A 43 -7.99 39.43 22.78
CA ILE A 43 -9.24 39.02 22.18
C ILE A 43 -10.44 39.03 23.13
N LEU A 44 -11.61 39.32 22.57
CA LEU A 44 -12.84 39.39 23.35
C LEU A 44 -13.78 38.23 23.15
N PRO A 45 -14.83 38.14 23.98
CA PRO A 45 -15.81 37.06 23.86
C PRO A 45 -16.45 37.08 22.47
N ASP A 46 -16.79 38.29 22.01
CA ASP A 46 -17.38 38.43 20.67
C ASP A 46 -16.23 38.11 19.71
N ASP A 47 -15.05 38.05 20.30
CA ASP A 47 -13.80 37.70 19.62
C ASP A 47 -13.29 38.63 18.55
N SER A 48 -12.75 39.75 19.01
CA SER A 48 -12.17 40.78 18.18
C SER A 48 -10.82 41.07 18.79
N LYS A 49 -10.22 42.20 18.44
CA LYS A 49 -8.91 42.55 19.01
C LYS A 49 -9.01 43.89 19.72
N GLN A 50 -9.06 43.86 21.05
CA GLN A 50 -9.13 45.11 21.79
C GLN A 50 -7.72 45.53 22.20
N LYS A 51 -7.42 46.81 22.09
CA LYS A 51 -6.10 47.35 22.45
C LYS A 51 -5.70 47.03 23.88
N VAL A 52 -4.40 46.94 24.13
CA VAL A 52 -3.87 46.65 25.46
C VAL A 52 -2.40 47.03 25.51
N ALA A 53 -1.88 47.24 26.71
CA ALA A 53 -0.49 47.61 26.87
C ALA A 53 0.43 46.60 26.18
N ARG A 54 1.55 47.07 25.66
CA ARG A 54 2.52 46.22 24.98
C ARG A 54 3.07 45.18 25.95
N HIS A 55 2.31 44.12 26.23
CA HIS A 55 2.80 43.10 27.15
C HIS A 55 3.21 41.82 26.45
N ILE A 56 4.41 41.32 26.79
CA ILE A 56 4.96 40.11 26.21
C ILE A 56 4.27 38.86 26.78
N ARG A 57 3.76 37.99 25.91
CA ARG A 57 3.07 36.81 26.39
C ARG A 57 3.86 35.52 26.17
N GLY A 58 3.30 34.41 26.66
CA GLY A 58 3.96 33.12 26.50
C GLY A 58 3.02 31.97 26.25
N CYS A 59 3.21 31.32 25.10
CA CYS A 59 2.40 30.20 24.67
C CYS A 59 2.73 28.95 25.47
N VAL A 60 2.80 29.07 26.79
CA VAL A 60 3.17 27.94 27.65
C VAL A 60 2.25 26.72 27.67
N CYS A 61 0.96 26.90 27.43
CA CYS A 61 0.04 25.75 27.46
C CYS A 61 0.54 24.58 26.61
N LYS A 62 1.55 24.82 25.76
CA LYS A 62 2.10 23.78 24.90
C LYS A 62 3.41 23.26 25.45
N LEU A 63 3.79 23.70 26.64
CA LEU A 63 5.04 23.25 27.28
C LEU A 63 4.75 22.65 28.66
N LYS A 64 3.49 22.76 29.07
CA LYS A 64 2.99 22.26 30.36
C LYS A 64 1.48 22.46 30.34
N PRO A 65 0.72 21.42 30.67
CA PRO A 65 -0.76 21.44 30.70
C PRO A 65 -1.38 22.67 31.36
N CYS A 66 -2.50 23.11 30.81
CA CYS A 66 -3.20 24.28 31.32
C CYS A 66 -4.57 23.95 31.88
N VAL A 67 -5.22 24.95 32.47
CA VAL A 67 -6.56 24.79 33.04
C VAL A 67 -7.34 26.08 32.81
N ARG A 68 -8.09 26.13 31.72
CA ARG A 68 -8.88 27.32 31.41
C ARG A 68 -9.74 27.77 32.60
N PHE A 69 -9.37 28.89 33.21
CA PHE A 69 -10.07 29.44 34.36
C PHE A 69 -10.82 30.72 34.00
N CYS A 70 -11.97 30.98 34.63
CA CYS A 70 -12.73 32.19 34.32
C CYS A 70 -12.19 33.39 35.12
N CYS A 71 -11.83 33.15 36.38
CA CYS A 71 -11.28 34.20 37.23
C CYS A 71 -9.99 33.66 37.84
N PRO A 72 -9.30 34.46 38.69
CA PRO A 72 -8.07 33.98 39.31
C PRO A 72 -8.20 32.64 40.05
N HIS A 73 -7.26 32.34 40.94
CA HIS A 73 -7.28 31.06 41.66
C HIS A 73 -7.95 31.04 43.04
N ASP A 74 -8.16 32.21 43.63
CA ASP A 74 -8.79 32.30 44.95
C ASP A 74 -10.24 32.75 44.83
N HIS A 75 -10.63 33.08 43.59
CA HIS A 75 -11.98 33.54 43.27
C HIS A 75 -13.02 32.44 43.15
N ILE A 76 -14.20 32.68 43.72
CA ILE A 76 -15.27 31.69 43.63
C ILE A 76 -16.37 32.18 42.74
N MET A 77 -16.69 31.36 41.74
CA MET A 77 -17.75 31.73 40.82
C MET A 77 -19.06 31.80 41.58
N ASP A 78 -19.86 32.79 41.23
CA ASP A 78 -21.17 33.01 41.86
C ASP A 78 -22.15 33.47 40.79
N ASN A 79 -22.85 32.52 40.19
CA ASN A 79 -23.83 32.85 39.17
C ASN A 79 -23.13 33.53 37.99
N GLY A 80 -22.04 32.92 37.53
CA GLY A 80 -21.29 33.45 36.41
C GLY A 80 -20.55 34.76 36.66
N VAL A 81 -20.58 35.23 37.90
CA VAL A 81 -19.92 36.47 38.28
C VAL A 81 -18.68 36.19 39.12
N CYS A 82 -17.53 36.70 38.67
CA CYS A 82 -16.29 36.50 39.41
C CYS A 82 -16.41 37.14 40.80
N TYR A 83 -16.25 36.33 41.83
CA TYR A 83 -16.35 36.81 43.19
C TYR A 83 -15.05 36.51 43.95
N ASP A 84 -14.55 37.50 44.68
CA ASP A 84 -13.32 37.36 45.46
C ASP A 84 -13.58 37.60 46.94
N ASN A 85 -14.36 36.71 47.54
CA ASN A 85 -14.69 36.83 48.96
C ASN A 85 -14.66 35.44 49.61
N MET A 86 -13.68 34.63 49.22
CA MET A 86 -13.56 33.31 49.80
C MET A 86 -12.84 33.38 51.14
N SER A 87 -13.54 33.03 52.21
CA SER A 87 -12.98 33.08 53.55
C SER A 87 -11.97 31.96 53.79
N ASP A 88 -11.17 32.11 54.84
CA ASP A 88 -10.16 31.14 55.20
C ASP A 88 -10.78 29.75 55.35
N GLU A 89 -12.07 29.71 55.68
CA GLU A 89 -12.80 28.45 55.87
C GLU A 89 -13.10 27.76 54.54
N GLU A 90 -13.73 28.49 53.64
CA GLU A 90 -14.10 27.97 52.33
C GLU A 90 -12.89 27.44 51.57
N LEU A 91 -11.81 28.21 51.56
CA LEU A 91 -10.57 27.83 50.89
C LEU A 91 -10.03 26.54 51.50
N ALA A 92 -10.29 26.36 52.79
CA ALA A 92 -9.84 25.17 53.49
C ALA A 92 -10.82 24.02 53.29
N GLU A 93 -11.82 24.24 52.45
CA GLU A 93 -12.83 23.23 52.18
C GLU A 93 -13.11 23.06 50.68
N LEU A 94 -12.15 23.38 49.82
CA LEU A 94 -12.43 23.29 48.38
C LEU A 94 -11.66 22.29 47.52
N ASP A 95 -12.33 21.18 47.22
CA ASP A 95 -11.76 20.13 46.39
C ASP A 95 -10.97 20.79 45.28
N PRO A 96 -9.63 20.78 45.41
CA PRO A 96 -8.77 21.40 44.40
C PRO A 96 -8.45 20.51 43.21
N PHE A 97 -8.97 19.29 43.20
CA PHE A 97 -8.68 18.35 42.12
C PHE A 97 -9.77 18.14 41.07
N LEU A 98 -9.36 18.24 39.79
CA LEU A 98 -10.26 18.02 38.67
C LEU A 98 -9.87 16.67 38.08
N ASN A 99 -10.78 16.02 37.38
CA ASN A 99 -10.41 14.75 36.77
C ASN A 99 -10.11 15.08 35.32
N VAL A 100 -8.90 14.79 34.86
CA VAL A 100 -8.57 15.08 33.46
C VAL A 100 -8.13 13.79 32.74
N THR A 101 -8.66 13.60 31.53
CA THR A 101 -8.36 12.41 30.75
C THR A 101 -7.09 12.61 29.91
N LEU A 102 -6.05 11.86 30.22
CA LEU A 102 -4.79 11.94 29.50
C LEU A 102 -4.92 11.36 28.09
N ASP A 103 -3.85 11.50 27.31
CA ASP A 103 -3.80 11.02 25.94
C ASP A 103 -4.15 9.55 25.81
N ASP A 104 -3.67 8.74 26.76
CA ASP A 104 -3.91 7.30 26.76
C ASP A 104 -5.33 6.88 27.10
N GLY A 105 -6.22 7.85 27.31
CA GLY A 105 -7.61 7.53 27.61
C GLY A 105 -7.99 7.22 29.05
N SER A 106 -7.04 7.24 29.98
CA SER A 106 -7.35 6.96 31.38
C SER A 106 -7.53 8.27 32.13
N VAL A 107 -8.10 8.20 33.33
CA VAL A 107 -8.31 9.41 34.13
C VAL A 107 -7.39 9.52 35.35
N SER A 108 -6.83 10.71 35.53
CA SER A 108 -5.92 10.99 36.63
C SER A 108 -6.36 12.22 37.42
N ARG A 109 -6.24 12.14 38.74
CA ARG A 109 -6.60 13.25 39.62
C ARG A 109 -5.48 14.29 39.63
N ARG A 110 -5.79 15.54 39.33
CA ARG A 110 -4.77 16.59 39.29
C ARG A 110 -5.08 17.87 40.05
N HIS A 111 -4.15 18.29 40.91
CA HIS A 111 -4.30 19.52 41.68
C HIS A 111 -4.60 20.63 40.68
N PHE A 112 -5.61 21.45 40.94
CA PHE A 112 -5.94 22.51 40.01
C PHE A 112 -4.83 23.52 39.82
N LYS A 113 -4.12 23.85 40.89
CA LYS A 113 -3.07 24.85 40.81
C LYS A 113 -1.61 24.42 40.87
N ASN A 114 -1.34 23.20 41.33
CA ASN A 114 0.04 22.71 41.44
C ASN A 114 0.55 21.85 40.29
N GLU A 115 -0.23 20.87 39.86
CA GLU A 115 0.15 20.00 38.76
C GLU A 115 -0.15 20.67 37.41
N LEU A 116 -0.79 21.83 37.46
CA LEU A 116 -1.16 22.53 36.24
C LEU A 116 -0.79 24.01 36.26
N ILE A 117 -1.10 24.70 35.17
CA ILE A 117 -0.83 26.12 35.04
C ILE A 117 -2.15 26.88 34.94
N VAL A 118 -2.46 27.66 35.97
CA VAL A 118 -3.70 28.42 36.04
C VAL A 118 -3.78 29.69 35.20
N GLN A 119 -4.55 29.63 34.12
CA GLN A 119 -4.71 30.80 33.25
C GLN A 119 -5.94 31.54 33.72
N TRP A 120 -5.77 32.82 34.04
CA TRP A 120 -6.87 33.66 34.52
C TRP A 120 -7.16 34.97 33.76
N ASP A 121 -6.23 35.41 32.91
CA ASP A 121 -6.43 36.65 32.18
C ASP A 121 -7.22 36.52 30.88
N LEU A 122 -7.68 35.30 30.58
CA LEU A 122 -8.47 35.04 29.38
C LEU A 122 -9.89 35.58 29.50
N PRO A 123 -10.39 36.24 28.46
CA PRO A 123 -11.73 36.82 28.42
C PRO A 123 -12.88 35.83 28.63
N MET A 124 -13.92 36.26 29.33
CA MET A 124 -15.05 35.42 29.62
C MET A 124 -15.54 34.78 28.33
N PRO A 125 -15.94 33.49 28.38
CA PRO A 125 -16.43 32.82 27.17
C PRO A 125 -17.80 33.35 26.72
N CYS A 126 -18.45 34.15 27.56
CA CYS A 126 -19.75 34.75 27.29
C CYS A 126 -20.37 35.30 28.58
N ASP A 127 -21.22 36.32 28.47
CA ASP A 127 -21.88 36.88 29.63
C ASP A 127 -23.09 36.01 29.95
N GLY A 128 -23.33 35.77 31.23
CA GLY A 128 -24.42 34.90 31.62
C GLY A 128 -24.13 33.46 31.23
N MET A 129 -23.26 32.79 31.97
CA MET A 129 -22.90 31.42 31.64
C MET A 129 -23.55 30.38 32.53
N PHE A 130 -23.86 29.22 31.96
CA PHE A 130 -24.47 28.16 32.73
C PHE A 130 -23.43 27.16 33.20
N TYR A 131 -23.26 27.03 34.50
CA TYR A 131 -22.28 26.08 35.02
C TYR A 131 -22.77 24.66 34.80
N LEU A 132 -21.97 23.66 35.17
CA LEU A 132 -22.36 22.27 35.00
C LEU A 132 -22.21 21.50 36.30
N ASP A 133 -23.02 20.45 36.47
CA ASP A 133 -22.97 19.64 37.68
C ASP A 133 -23.00 18.17 37.30
N ASN A 134 -21.81 17.64 36.98
CA ASN A 134 -21.66 16.25 36.58
C ASN A 134 -22.42 15.23 37.43
N ARG A 135 -22.76 15.60 38.67
CA ARG A 135 -23.49 14.69 39.52
C ARG A 135 -24.72 14.26 38.75
N GLU A 136 -25.16 15.13 37.85
CA GLU A 136 -26.31 14.86 36.99
C GLU A 136 -25.83 14.33 35.64
N GLU A 137 -26.34 13.17 35.24
CA GLU A 137 -25.99 12.52 33.98
C GLU A 137 -25.92 13.46 32.78
N GLN A 138 -26.79 14.47 32.76
CA GLN A 138 -26.81 15.41 31.66
C GLN A 138 -25.60 16.33 31.68
N ASP A 139 -25.17 16.69 32.88
CA ASP A 139 -24.03 17.59 33.02
C ASP A 139 -22.68 16.89 32.99
N LYS A 140 -22.66 15.62 32.54
CA LYS A 140 -21.41 14.86 32.47
C LYS A 140 -20.46 15.44 31.42
N TYR A 141 -19.16 15.38 31.68
CA TYR A 141 -18.21 15.91 30.70
C TYR A 141 -16.83 15.29 30.84
N THR A 142 -15.93 15.64 29.93
CA THR A 142 -14.57 15.12 29.93
C THR A 142 -13.62 16.26 29.64
N LEU A 143 -12.81 16.65 30.61
CA LEU A 143 -11.86 17.72 30.38
C LEU A 143 -10.47 17.13 30.21
N PHE A 144 -9.93 17.22 28.99
CA PHE A 144 -8.62 16.68 28.70
C PHE A 144 -7.44 17.56 29.13
N GLU A 145 -6.26 16.98 29.17
CA GLU A 145 -5.06 17.71 29.57
C GLU A 145 -4.74 18.81 28.56
N ASN A 146 -4.95 18.52 27.28
CA ASN A 146 -4.70 19.50 26.23
C ASN A 146 -5.70 20.65 26.27
N GLY A 147 -6.73 20.52 27.12
CA GLY A 147 -7.72 21.58 27.26
C GLY A 147 -9.01 21.44 26.48
N THR A 148 -9.13 20.39 25.67
CA THR A 148 -10.34 20.16 24.87
C THR A 148 -11.47 19.76 25.77
N PHE A 149 -12.43 20.67 25.93
CA PHE A 149 -13.59 20.41 26.75
C PHE A 149 -14.67 19.71 25.95
N PHE A 150 -14.99 18.48 26.36
CA PHE A 150 -16.00 17.67 25.70
C PHE A 150 -17.19 17.50 26.63
N ARG A 151 -18.39 17.65 26.09
CA ARG A 151 -19.62 17.53 26.87
C ARG A 151 -20.29 16.24 26.43
N HIS A 152 -20.77 15.45 27.38
CA HIS A 152 -21.39 14.18 27.02
C HIS A 152 -22.82 14.31 26.60
N PHE A 153 -23.54 15.29 27.12
CA PHE A 153 -24.94 15.40 26.75
C PHE A 153 -25.13 15.48 25.24
N ASP A 154 -24.58 16.52 24.62
CA ASP A 154 -24.73 16.73 23.19
C ASP A 154 -23.47 16.53 22.35
N ARG A 155 -22.62 15.59 22.78
CA ARG A 155 -21.38 15.28 22.10
C ARG A 155 -20.84 16.48 21.33
N VAL A 156 -20.56 17.55 22.05
CA VAL A 156 -20.05 18.79 21.47
C VAL A 156 -18.70 19.14 22.07
N THR A 157 -17.72 19.45 21.21
CA THR A 157 -16.39 19.81 21.70
C THR A 157 -16.22 21.33 21.79
N LEU A 158 -15.62 21.76 22.87
CA LEU A 158 -15.39 23.19 23.07
C LEU A 158 -13.90 23.52 23.15
N ARG A 159 -13.49 24.57 22.45
CA ARG A 159 -12.12 25.04 22.48
C ARG A 159 -12.09 26.12 23.57
N LYS A 160 -10.98 26.21 24.30
CA LYS A 160 -10.87 27.15 25.41
C LYS A 160 -11.40 28.57 25.24
N ARG A 161 -11.85 28.93 24.05
CA ARG A 161 -12.43 30.25 23.86
C ARG A 161 -13.85 30.08 24.40
N GLU A 162 -14.37 28.87 24.24
CA GLU A 162 -15.74 28.51 24.63
C GLU A 162 -16.05 28.00 26.02
N TYR A 163 -15.05 27.81 26.89
CA TYR A 163 -15.34 27.32 28.25
C TYR A 163 -14.29 27.75 29.26
N CYS A 164 -14.59 27.57 30.53
CA CYS A 164 -13.67 27.89 31.61
C CYS A 164 -14.14 27.31 32.94
N LEU A 165 -13.21 26.79 33.72
CA LEU A 165 -13.55 26.19 35.01
C LEU A 165 -13.43 27.26 36.07
N GLN A 166 -13.99 27.00 37.24
CA GLN A 166 -13.93 27.95 38.33
C GLN A 166 -14.50 27.31 39.59
N HIS A 167 -14.08 27.83 40.73
CA HIS A 167 -14.58 27.31 41.99
C HIS A 167 -16.04 27.72 42.11
N LEU A 168 -16.91 26.73 42.33
CA LEU A 168 -18.33 27.03 42.45
C LEU A 168 -18.99 26.34 43.62
N THR A 169 -19.78 27.11 44.37
CA THR A 169 -20.49 26.62 45.54
C THR A 169 -21.68 25.74 45.16
N PHE A 170 -21.68 24.50 45.63
CA PHE A 170 -22.79 23.61 45.31
C PHE A 170 -23.69 23.40 46.52
N ALA A 171 -24.63 22.47 46.42
CA ALA A 171 -25.54 22.20 47.52
C ALA A 171 -25.75 20.71 47.76
N ASP A 172 -25.15 20.20 48.84
CA ASP A 172 -25.29 18.78 49.20
C ASP A 172 -26.63 18.64 49.93
N GLY A 173 -27.70 18.97 49.23
CA GLY A 173 -29.03 18.89 49.82
C GLY A 173 -29.20 19.96 50.88
N ASN A 174 -28.90 19.61 52.13
CA ASN A 174 -29.02 20.53 53.26
C ASN A 174 -27.67 21.11 53.67
N ALA A 175 -26.64 20.92 52.85
CA ALA A 175 -25.31 21.42 53.19
C ALA A 175 -24.75 22.40 52.16
N THR A 176 -23.44 22.41 52.02
CA THR A 176 -22.78 23.30 51.05
C THR A 176 -21.31 22.92 50.84
N SER A 177 -20.98 22.55 49.60
CA SER A 177 -19.60 22.20 49.26
C SER A 177 -19.14 22.87 47.98
N ILE A 178 -17.84 23.18 47.89
CA ILE A 178 -17.28 23.83 46.72
C ILE A 178 -16.40 22.87 45.93
N ARG A 179 -16.67 22.77 44.63
CA ARG A 179 -15.91 21.92 43.73
C ARG A 179 -15.78 22.66 42.42
N ILE A 180 -14.65 22.51 41.72
CA ILE A 180 -14.47 23.22 40.45
C ILE A 180 -15.45 22.69 39.41
N ALA A 181 -16.26 23.59 38.87
CA ALA A 181 -17.24 23.20 37.86
C ALA A 181 -17.03 23.91 36.54
N PRO A 182 -17.27 23.22 35.42
CA PRO A 182 -17.08 23.93 34.15
C PRO A 182 -18.24 24.90 33.93
N HIS A 183 -18.06 25.81 32.99
CA HIS A 183 -19.10 26.78 32.65
C HIS A 183 -19.12 26.88 31.12
N ASN A 184 -20.29 26.62 30.54
CA ASN A 184 -20.44 26.66 29.09
C ASN A 184 -21.35 27.79 28.66
N CYS A 185 -21.29 28.14 27.38
CA CYS A 185 -22.14 29.19 26.82
C CYS A 185 -23.39 28.57 26.27
N LEU A 186 -24.54 29.05 26.71
CA LEU A 186 -25.79 28.51 26.21
C LEU A 186 -26.06 29.13 24.85
N ILE A 187 -25.19 30.05 24.43
CA ILE A 187 -25.38 30.67 23.13
C ILE A 187 -24.10 30.80 22.30
N VAL A 188 -23.23 31.75 22.60
CA VAL A 188 -21.98 31.91 21.82
C VAL A 188 -21.29 30.56 21.66
N ASP B 1 7.91 23.96 6.64
CA ASP B 1 6.64 23.41 7.19
C ASP B 1 6.34 23.95 8.59
N ILE B 2 7.07 23.45 9.57
CA ILE B 2 6.90 23.88 10.96
C ILE B 2 6.79 25.40 11.09
N LEU B 3 5.85 25.85 11.93
CA LEU B 3 5.58 27.27 12.16
C LEU B 3 6.81 28.14 12.34
N GLU B 4 6.78 29.32 11.71
CA GLU B 4 7.86 30.29 11.75
C GLU B 4 9.23 29.76 12.12
N CYS B 5 9.56 28.57 11.66
CA CYS B 5 10.86 27.99 11.93
C CYS B 5 11.59 27.90 10.60
N ASP B 6 12.82 28.40 10.56
CA ASP B 6 13.62 28.36 9.34
C ASP B 6 14.05 26.92 9.16
N TYR B 7 14.19 26.46 7.93
CA TYR B 7 14.57 25.08 7.71
C TYR B 7 15.84 24.67 8.46
N PHE B 8 16.97 25.16 7.97
CA PHE B 8 18.29 24.85 8.54
C PHE B 8 18.37 24.81 10.06
N ASP B 9 17.28 25.15 10.74
CA ASP B 9 17.24 25.12 12.19
C ASP B 9 16.37 23.95 12.62
N THR B 10 16.39 22.89 11.82
CA THR B 10 15.59 21.70 12.12
C THR B 10 16.47 20.47 12.07
N VAL B 11 15.92 19.33 12.49
CA VAL B 11 16.67 18.09 12.51
C VAL B 11 15.75 16.89 12.24
N ASP B 12 16.34 15.80 11.74
CA ASP B 12 15.58 14.58 11.47
C ASP B 12 15.32 13.88 12.81
N ILE B 13 14.12 14.02 13.35
CA ILE B 13 13.81 13.39 14.63
C ILE B 13 12.98 12.10 14.51
N SER B 14 12.89 11.57 13.29
CA SER B 14 12.13 10.36 13.06
C SER B 14 12.68 9.23 13.92
N ALA B 15 13.69 9.55 14.72
CA ALA B 15 14.31 8.55 15.59
C ALA B 15 14.11 8.88 17.06
N ALA B 16 13.50 10.03 17.33
CA ALA B 16 13.25 10.46 18.71
C ALA B 16 12.02 9.74 19.27
N GLN B 17 11.95 9.65 20.59
CA GLN B 17 10.82 9.00 21.24
C GLN B 17 9.61 9.92 21.19
N LYS B 18 8.43 9.33 20.94
CA LYS B 18 7.19 10.08 20.86
C LYS B 18 6.40 9.99 22.16
N LEU B 19 6.35 11.08 22.92
CA LEU B 19 5.64 11.10 24.20
C LEU B 19 4.13 11.04 24.09
N GLN B 20 3.51 11.00 25.27
CA GLN B 20 2.06 10.92 25.43
C GLN B 20 1.36 12.25 25.11
N ASN B 21 1.80 13.33 25.75
CA ASN B 21 1.20 14.64 25.52
C ASN B 21 1.49 15.19 24.13
N GLY B 22 1.75 14.28 23.18
CA GLY B 22 2.01 14.67 21.81
C GLY B 22 3.45 15.05 21.50
N SER B 23 4.10 15.75 22.43
CA SER B 23 5.48 16.19 22.24
C SER B 23 6.45 15.01 22.07
N TYR B 24 7.68 15.30 21.73
CA TYR B 24 8.69 14.27 21.53
C TYR B 24 9.85 14.34 22.52
N LEU B 25 10.57 13.23 22.60
CA LEU B 25 11.75 13.14 23.44
C LEU B 25 12.83 12.79 22.42
N PHE B 26 13.92 13.55 22.44
CA PHE B 26 15.00 13.36 21.47
C PHE B 26 16.38 13.61 22.07
N GLU B 27 17.16 12.55 22.19
CA GLU B 27 18.51 12.66 22.75
C GLU B 27 18.45 13.41 24.07
N GLY B 28 17.52 13.03 24.94
CA GLY B 28 17.41 13.71 26.21
C GLY B 28 16.72 15.05 26.09
N LEU B 29 16.76 15.63 24.89
CA LEU B 29 16.12 16.91 24.62
C LEU B 29 14.61 16.70 24.42
N LEU B 30 13.81 17.60 24.97
CA LEU B 30 12.36 17.51 24.82
C LEU B 30 11.87 18.49 23.78
N VAL B 31 11.50 17.98 22.61
CA VAL B 31 11.04 18.84 21.54
C VAL B 31 9.54 19.03 21.67
N PRO B 32 9.10 20.23 22.08
CA PRO B 32 7.67 20.50 22.24
C PRO B 32 6.98 19.99 20.98
N ALA B 33 5.76 19.47 21.10
CA ALA B 33 5.06 18.95 19.93
C ALA B 33 4.78 20.05 18.90
N ILE B 34 4.46 21.24 19.39
CA ILE B 34 4.16 22.38 18.52
C ILE B 34 5.29 22.80 17.58
N LEU B 35 6.53 22.43 17.88
CA LEU B 35 7.69 22.79 17.03
C LEU B 35 8.07 21.67 16.05
N THR B 36 7.46 20.50 16.20
CA THR B 36 7.77 19.40 15.29
C THR B 36 6.91 19.55 14.06
N GLY B 37 7.28 18.84 13.00
CA GLY B 37 6.55 18.91 11.76
C GLY B 37 7.02 17.89 10.73
N GLU B 38 6.08 17.41 9.93
CA GLU B 38 6.36 16.44 8.90
C GLU B 38 6.94 17.17 7.68
N TYR B 39 7.71 16.45 6.88
CA TYR B 39 8.31 17.04 5.70
C TYR B 39 8.44 16.02 4.58
N ASP B 40 8.11 16.49 3.38
CA ASP B 40 8.19 15.69 2.17
C ASP B 40 9.30 16.28 1.32
N PHE B 41 9.88 17.38 1.81
CA PHE B 41 10.93 18.05 1.08
C PHE B 41 12.17 18.32 1.91
N ARG B 42 13.24 18.71 1.21
CA ARG B 42 14.52 19.08 1.82
C ARG B 42 15.13 20.09 0.86
N ILE B 43 15.14 21.34 1.29
CA ILE B 43 15.67 22.43 0.50
C ILE B 43 17.09 22.22 -0.05
N LEU B 44 17.34 22.79 -1.22
CA LEU B 44 18.61 22.63 -1.89
C LEU B 44 19.49 23.89 -1.85
N PRO B 45 20.76 23.75 -2.27
CA PRO B 45 21.69 24.89 -2.28
C PRO B 45 21.12 25.99 -3.17
N ASP B 46 20.59 25.61 -4.34
CA ASP B 46 19.99 26.60 -5.24
C ASP B 46 18.72 27.04 -4.53
N ASP B 47 18.40 26.30 -3.47
CA ASP B 47 17.27 26.56 -2.59
C ASP B 47 15.87 26.47 -3.17
N SER B 48 15.45 25.23 -3.39
CA SER B 48 14.15 24.88 -3.91
C SER B 48 13.61 23.82 -2.97
N LYS B 49 12.59 23.09 -3.38
CA LYS B 49 12.03 22.05 -2.55
C LYS B 49 12.11 20.71 -3.26
N GLN B 50 13.06 19.87 -2.87
CA GLN B 50 13.18 18.57 -3.50
C GLN B 50 12.42 17.54 -2.67
N LYS B 51 11.70 16.64 -3.33
CA LYS B 51 10.91 15.60 -2.65
C LYS B 51 11.77 14.74 -1.73
N VAL B 52 11.15 14.19 -0.70
CA VAL B 52 11.83 13.33 0.27
C VAL B 52 10.79 12.54 1.07
N ALA B 53 11.22 11.43 1.64
CA ALA B 53 10.32 10.60 2.44
C ALA B 53 9.62 11.42 3.52
N ARG B 54 8.39 11.07 3.83
CA ARG B 54 7.61 11.77 4.85
C ARG B 54 8.29 11.63 6.21
N HIS B 55 9.34 12.41 6.45
CA HIS B 55 10.03 12.33 7.73
C HIS B 55 9.73 13.52 8.64
N ILE B 56 9.40 13.22 9.90
CA ILE B 56 9.07 14.23 10.90
C ILE B 56 10.34 14.93 11.40
N ARG B 57 10.37 16.25 11.34
CA ARG B 57 11.56 16.97 11.78
C ARG B 57 11.37 17.72 13.10
N GLY B 58 12.45 18.32 13.59
CA GLY B 58 12.38 19.07 14.83
C GLY B 58 13.21 20.33 14.86
N CYS B 59 12.52 21.45 15.05
CA CYS B 59 13.14 22.77 15.09
C CYS B 59 13.92 22.96 16.37
N VAL B 60 14.76 21.99 16.75
CA VAL B 60 15.51 22.06 18.00
C VAL B 60 16.53 23.18 18.17
N CYS B 61 17.13 23.66 17.08
CA CYS B 61 18.12 24.72 17.20
C CYS B 61 17.64 25.90 18.05
N LYS B 62 16.35 25.95 18.33
CA LYS B 62 15.76 27.04 19.13
C LYS B 62 15.49 26.57 20.55
N LEU B 63 15.93 25.36 20.89
CA LEU B 63 15.73 24.83 22.24
C LEU B 63 17.08 24.42 22.85
N LYS B 64 18.12 24.51 22.03
CA LYS B 64 19.50 24.16 22.41
C LYS B 64 20.36 24.55 21.21
N PRO B 65 21.45 25.29 21.46
CA PRO B 65 22.39 25.77 20.44
C PRO B 65 22.81 24.71 19.41
N CYS B 66 22.98 25.16 18.17
CA CYS B 66 23.36 24.27 17.07
C CYS B 66 24.73 24.59 16.51
N VAL B 67 25.20 23.75 15.59
CA VAL B 67 26.49 23.93 14.94
C VAL B 67 26.37 23.49 13.48
N ARG B 68 26.07 24.42 12.59
CA ARG B 68 25.95 24.10 11.18
C ARG B 68 27.15 23.32 10.65
N PHE B 69 26.93 22.03 10.37
CA PHE B 69 27.98 21.14 9.86
C PHE B 69 27.75 20.78 8.39
N CYS B 70 28.82 20.58 7.63
CA CYS B 70 28.66 20.22 6.22
C CYS B 70 28.45 18.71 6.06
N CYS B 71 29.16 17.92 6.85
CA CYS B 71 29.03 16.47 6.80
C CYS B 71 28.82 15.99 8.23
N PRO B 72 28.70 14.67 8.45
CA PRO B 72 28.51 14.15 9.81
C PRO B 72 29.57 14.61 10.81
N HIS B 73 29.70 13.90 11.93
CA HIS B 73 30.66 14.30 12.97
C HIS B 73 32.03 13.63 12.95
N ASP B 74 32.16 12.53 12.22
CA ASP B 74 33.44 11.81 12.13
C ASP B 74 34.12 12.09 10.79
N HIS B 75 33.40 12.80 9.93
CA HIS B 75 33.86 13.18 8.59
C HIS B 75 34.83 14.35 8.54
N ILE B 76 35.89 14.22 7.74
CA ILE B 76 36.85 15.29 7.61
C ILE B 76 36.75 15.93 6.25
N MET B 77 36.56 17.24 6.25
CA MET B 77 36.47 17.96 5.01
C MET B 77 37.79 17.86 4.28
N ASP B 78 37.72 17.70 2.97
CA ASP B 78 38.89 17.60 2.12
C ASP B 78 38.62 18.31 0.82
N ASN B 79 38.99 19.59 0.75
CA ASN B 79 38.78 20.36 -0.45
C ASN B 79 37.29 20.45 -0.78
N GLY B 80 36.50 20.78 0.25
CA GLY B 80 35.06 20.90 0.07
C GLY B 80 34.31 19.61 -0.19
N VAL B 81 35.02 18.50 -0.13
CA VAL B 81 34.42 17.18 -0.37
C VAL B 81 34.31 16.40 0.94
N CYS B 82 33.10 15.96 1.27
CA CYS B 82 32.89 15.19 2.49
C CYS B 82 33.69 13.88 2.41
N TYR B 83 34.59 13.70 3.37
CA TYR B 83 35.41 12.50 3.39
C TYR B 83 35.22 11.77 4.73
N ASP B 84 35.05 10.45 4.65
CA ASP B 84 34.87 9.62 5.84
C ASP B 84 35.97 8.58 5.95
N ASN B 85 37.19 9.04 6.17
CA ASN B 85 38.33 8.15 6.30
C ASN B 85 39.25 8.63 7.42
N MET B 86 38.66 9.10 8.51
CA MET B 86 39.45 9.57 9.64
C MET B 86 39.88 8.40 10.50
N SER B 87 41.19 8.16 10.56
CA SER B 87 41.75 7.05 11.33
C SER B 87 41.66 7.31 12.83
N ASP B 88 41.83 6.24 13.61
CA ASP B 88 41.79 6.32 15.05
C ASP B 88 42.77 7.36 15.57
N GLU B 89 43.83 7.61 14.80
CA GLU B 89 44.86 8.58 15.17
C GLU B 89 44.38 10.02 15.00
N GLU B 90 43.90 10.34 13.81
CA GLU B 90 43.42 11.68 13.50
C GLU B 90 42.32 12.11 14.46
N LEU B 91 41.35 11.24 14.69
CA LEU B 91 40.23 11.53 15.60
C LEU B 91 40.78 11.80 17.00
N ALA B 92 41.89 11.16 17.33
CA ALA B 92 42.51 11.34 18.64
C ALA B 92 43.40 12.58 18.64
N GLU B 93 43.38 13.33 17.54
CA GLU B 93 44.19 14.53 17.42
C GLU B 93 43.40 15.72 16.88
N LEU B 94 42.08 15.74 17.07
CA LEU B 94 41.30 16.85 16.50
C LEU B 94 40.58 17.82 17.42
N ASP B 95 41.18 19.00 17.59
CA ASP B 95 40.63 20.07 18.42
C ASP B 95 39.13 20.08 18.20
N PRO B 96 38.38 19.54 19.17
CA PRO B 96 36.92 19.50 19.06
C PRO B 96 36.21 20.77 19.50
N PHE B 97 36.96 21.77 19.94
CA PHE B 97 36.36 23.01 20.41
C PHE B 97 36.40 24.23 19.48
N LEU B 98 35.25 24.85 19.30
CA LEU B 98 35.11 26.05 18.47
C LEU B 98 34.92 27.21 19.45
N ASN B 99 35.26 28.41 19.03
CA ASN B 99 35.05 29.54 19.92
C ASN B 99 33.74 30.17 19.48
N VAL B 100 32.76 30.26 20.36
CA VAL B 100 31.49 30.87 19.99
C VAL B 100 31.18 32.06 20.90
N THR B 101 30.75 33.16 20.29
CA THR B 101 30.44 34.38 21.03
C THR B 101 28.98 34.36 21.52
N LEU B 102 28.81 34.31 22.85
CA LEU B 102 27.48 34.30 23.44
C LEU B 102 26.80 35.65 23.30
N ASP B 103 25.53 35.71 23.72
CA ASP B 103 24.72 36.93 23.65
C ASP B 103 25.39 38.12 24.32
N ASP B 104 26.02 37.87 25.46
CA ASP B 104 26.67 38.93 26.24
C ASP B 104 27.96 39.46 25.62
N GLY B 105 28.33 38.97 24.44
CA GLY B 105 29.53 39.47 23.78
C GLY B 105 30.87 38.87 24.15
N SER B 106 30.90 37.91 25.08
CA SER B 106 32.15 37.29 25.48
C SER B 106 32.32 35.97 24.72
N VAL B 107 33.54 35.42 24.73
CA VAL B 107 33.79 34.16 24.05
C VAL B 107 34.01 32.96 24.98
N SER B 108 33.35 31.85 24.65
CA SER B 108 33.45 30.64 25.45
C SER B 108 33.82 29.43 24.59
N ARG B 109 34.68 28.57 25.13
CA ARG B 109 35.13 27.38 24.41
C ARG B 109 34.06 26.29 24.53
N ARG B 110 33.61 25.75 23.40
CA ARG B 110 32.56 24.73 23.42
C ARG B 110 32.83 23.48 22.60
N HIS B 111 32.68 22.31 23.24
CA HIS B 111 32.88 21.02 22.56
C HIS B 111 31.99 21.03 21.33
N PHE B 112 32.51 20.66 20.17
CA PHE B 112 31.70 20.69 18.97
C PHE B 112 30.52 19.74 19.02
N LYS B 113 30.68 18.58 19.63
CA LYS B 113 29.60 17.60 19.68
C LYS B 113 28.88 17.35 21.01
N ASN B 114 29.47 17.78 22.13
CA ASN B 114 28.83 17.57 23.44
C ASN B 114 28.01 18.72 24.00
N GLU B 115 28.57 19.93 23.96
CA GLU B 115 27.88 21.11 24.46
C GLU B 115 26.91 21.66 23.40
N LEU B 116 26.94 21.06 22.21
CA LEU B 116 26.08 21.52 21.14
C LEU B 116 25.34 20.38 20.44
N ILE B 117 24.54 20.75 19.44
CA ILE B 117 23.77 19.78 18.65
C ILE B 117 24.27 19.78 17.22
N VAL B 118 24.90 18.69 16.82
CA VAL B 118 25.46 18.56 15.48
C VAL B 118 24.48 18.29 14.33
N GLN B 119 24.24 19.30 13.50
CA GLN B 119 23.34 19.14 12.38
C GLN B 119 24.18 18.75 11.17
N TRP B 120 23.84 17.61 10.55
CA TRP B 120 24.57 17.12 9.40
C TRP B 120 23.77 16.84 8.11
N ASP B 121 22.44 16.78 8.21
CA ASP B 121 21.62 16.50 7.04
C ASP B 121 21.28 17.71 6.18
N LEU B 122 21.79 18.87 6.56
CA LEU B 122 21.55 20.12 5.82
C LEU B 122 22.35 20.15 4.52
N PRO B 123 21.70 20.57 3.42
CA PRO B 123 22.32 20.66 2.09
C PRO B 123 23.55 21.57 2.01
N MET B 124 24.53 21.17 1.22
CA MET B 124 25.76 21.93 1.07
C MET B 124 25.40 23.38 0.75
N PRO B 125 26.14 24.35 1.32
CA PRO B 125 25.85 25.76 1.06
C PRO B 125 26.22 26.18 -0.38
N CYS B 126 26.93 25.30 -1.10
CA CYS B 126 27.36 25.52 -2.48
C CYS B 126 28.44 24.51 -2.87
N ASP B 127 28.53 24.19 -4.16
CA ASP B 127 29.55 23.27 -4.64
C ASP B 127 30.85 24.06 -4.80
N GLY B 128 31.96 23.45 -4.43
CA GLY B 128 33.25 24.16 -4.50
C GLY B 128 33.29 25.28 -3.48
N MET B 129 33.49 24.95 -2.21
CA MET B 129 33.52 25.96 -1.17
C MET B 129 34.92 26.30 -0.68
N PHE B 130 35.12 27.56 -0.32
CA PHE B 130 36.42 27.97 0.19
C PHE B 130 36.44 27.99 1.70
N TYR B 131 37.27 27.15 2.31
CA TYR B 131 37.35 27.11 3.76
C TYR B 131 38.01 28.38 4.27
N LEU B 132 38.11 28.53 5.60
CA LEU B 132 38.73 29.72 6.19
C LEU B 132 39.81 29.33 7.18
N ASP B 133 40.80 30.20 7.35
CA ASP B 133 41.89 29.92 8.28
C ASP B 133 42.16 31.18 9.10
N ASN B 134 41.39 31.33 10.17
CA ASN B 134 41.51 32.49 11.07
C ASN B 134 42.94 32.87 11.45
N ARG B 135 43.87 31.92 11.36
CA ARG B 135 45.25 32.21 11.70
C ARG B 135 45.65 33.43 10.89
N GLU B 136 44.99 33.60 9.75
CA GLU B 136 45.23 34.73 8.85
C GLU B 136 44.18 35.80 9.13
N GLU B 137 44.64 37.02 9.40
CA GLU B 137 43.78 38.17 9.69
C GLU B 137 42.57 38.30 8.76
N GLN B 138 42.76 37.94 7.50
CA GLN B 138 41.68 38.04 6.51
C GLN B 138 40.61 36.99 6.78
N ASP B 139 41.02 35.81 7.20
CA ASP B 139 40.08 34.73 7.46
C ASP B 139 39.46 34.77 8.85
N LYS B 140 39.58 35.89 9.55
CA LYS B 140 39.01 36.04 10.89
C LYS B 140 37.49 36.00 10.85
N TYR B 141 36.86 35.43 11.88
CA TYR B 141 35.40 35.40 11.89
C TYR B 141 34.84 35.26 13.30
N THR B 142 33.52 35.32 13.42
CA THR B 142 32.84 35.21 14.70
C THR B 142 31.63 34.31 14.53
N LEU B 143 31.66 33.13 15.14
CA LEU B 143 30.51 32.24 15.03
C LEU B 143 29.73 32.29 16.33
N PHE B 144 28.52 32.83 16.27
CA PHE B 144 27.67 32.95 17.46
C PHE B 144 26.91 31.67 17.83
N GLU B 145 26.39 31.62 19.05
CA GLU B 145 25.64 30.47 19.52
C GLU B 145 24.38 30.29 18.72
N ASN B 146 23.73 31.40 18.37
CA ASN B 146 22.50 31.35 17.60
C ASN B 146 22.76 30.89 16.15
N GLY B 147 24.03 30.76 15.79
CA GLY B 147 24.38 30.30 14.45
C GLY B 147 24.70 31.34 13.40
N THR B 148 24.60 32.62 13.75
CA THR B 148 24.89 33.71 12.82
C THR B 148 26.38 33.77 12.57
N PHE B 149 26.77 33.38 11.36
CA PHE B 149 28.16 33.40 10.97
C PHE B 149 28.54 34.78 10.44
N PHE B 150 29.46 35.44 11.14
CA PHE B 150 29.94 36.76 10.76
C PHE B 150 31.39 36.68 10.32
N ARG B 151 31.73 37.34 9.23
CA ARG B 151 33.08 37.31 8.70
C ARG B 151 33.66 38.70 8.94
N HIS B 152 34.90 38.78 9.40
CA HIS B 152 35.49 40.07 9.68
C HIS B 152 36.06 40.75 8.47
N PHE B 153 36.53 39.99 7.48
CA PHE B 153 37.12 40.64 6.34
C PHE B 153 36.17 41.63 5.68
N ASP B 154 35.02 41.16 5.21
CA ASP B 154 34.06 42.02 4.53
C ASP B 154 32.76 42.27 5.28
N ARG B 155 32.85 42.34 6.61
CA ARG B 155 31.71 42.57 7.48
C ARG B 155 30.41 42.08 6.82
N VAL B 156 30.35 40.79 6.56
CA VAL B 156 29.19 40.18 5.92
C VAL B 156 28.61 39.08 6.82
N THR B 157 27.31 39.11 7.04
CA THR B 157 26.67 38.09 7.87
C THR B 157 26.09 36.96 7.04
N LEU B 158 26.30 35.73 7.50
CA LEU B 158 25.79 34.58 6.79
C LEU B 158 24.78 33.80 7.64
N ARG B 159 23.67 33.41 7.02
CA ARG B 159 22.65 32.61 7.68
C ARG B 159 22.99 31.16 7.33
N LYS B 160 22.78 30.24 8.27
CA LYS B 160 23.13 28.84 8.08
C LYS B 160 22.84 28.18 6.73
N ARG B 161 22.19 28.88 5.82
CA ARG B 161 21.96 28.31 4.50
C ARG B 161 23.28 28.54 3.78
N GLU B 162 23.94 29.65 4.17
CA GLU B 162 25.19 30.10 3.56
C GLU B 162 26.53 29.62 4.10
N TYR B 163 26.56 28.85 5.18
CA TYR B 163 27.86 28.38 5.72
C TYR B 163 27.73 27.07 6.47
N CYS B 164 28.86 26.46 6.77
CA CYS B 164 28.91 25.21 7.53
C CYS B 164 30.34 24.89 7.99
N LEU B 165 30.47 24.41 9.22
CA LEU B 165 31.77 24.08 9.76
C LEU B 165 32.05 22.62 9.48
N GLN B 166 33.30 22.22 9.61
CA GLN B 166 33.68 20.85 9.36
C GLN B 166 35.12 20.63 9.76
N HIS B 167 35.47 19.39 10.06
CA HIS B 167 36.83 19.08 10.44
C HIS B 167 37.70 19.22 9.21
N LEU B 168 38.75 20.04 9.30
CA LEU B 168 39.62 20.25 8.16
C LEU B 168 41.10 20.17 8.50
N THR B 169 41.84 19.42 7.69
CA THR B 169 43.27 19.23 7.86
C THR B 169 44.07 20.47 7.49
N PHE B 170 44.83 20.99 8.44
CA PHE B 170 45.63 22.18 8.16
C PHE B 170 47.12 21.82 8.03
N ALA B 171 47.97 22.84 7.95
CA ALA B 171 49.39 22.61 7.83
C ALA B 171 50.22 23.52 8.72
N ASP B 172 50.77 22.96 9.80
CA ASP B 172 51.60 23.70 10.74
C ASP B 172 53.00 23.78 10.13
N GLY B 173 53.08 24.39 8.95
CA GLY B 173 54.36 24.50 8.26
C GLY B 173 54.81 23.14 7.76
N ASN B 174 55.60 22.46 8.58
CA ASN B 174 56.13 21.14 8.24
C ASN B 174 55.37 20.01 8.94
N ALA B 175 54.21 20.33 9.52
CA ALA B 175 53.42 19.32 10.23
C ALA B 175 52.02 19.15 9.66
N THR B 176 51.08 18.79 10.52
CA THR B 176 49.70 18.60 10.12
C THR B 176 48.74 18.50 11.31
N SER B 177 47.80 19.45 11.40
CA SER B 177 46.83 19.44 12.49
C SER B 177 45.41 19.68 11.98
N ILE B 178 44.43 19.08 12.65
CA ILE B 178 43.04 19.23 12.28
C ILE B 178 42.27 20.09 13.27
N ARG B 179 41.59 21.10 12.74
CA ARG B 179 40.78 22.02 13.55
C ARG B 179 39.53 22.34 12.76
N ILE B 180 38.39 22.51 13.43
CA ILE B 180 37.16 22.82 12.72
C ILE B 180 37.24 24.18 12.06
N ALA B 181 37.07 24.22 10.74
CA ALA B 181 37.13 25.48 10.02
C ALA B 181 35.83 25.79 9.29
N PRO B 182 35.46 27.08 9.22
CA PRO B 182 34.21 27.37 8.51
C PRO B 182 34.46 27.26 7.01
N HIS B 183 33.38 27.20 6.25
CA HIS B 183 33.45 27.12 4.80
C HIS B 183 32.39 28.06 4.24
N ASN B 184 32.80 29.02 3.43
CA ASN B 184 31.89 29.99 2.85
C ASN B 184 31.77 29.83 1.36
N CYS B 185 30.73 30.43 0.78
CA CYS B 185 30.52 30.37 -0.66
C CYS B 185 31.14 31.58 -1.30
N LEU B 186 32.01 31.35 -2.28
CA LEU B 186 32.63 32.48 -2.95
C LEU B 186 31.65 33.04 -3.95
N ILE B 187 30.49 32.41 -4.06
CA ILE B 187 29.49 32.91 -5.00
C ILE B 187 28.06 32.94 -4.45
N VAL B 188 27.38 31.79 -4.38
CA VAL B 188 26.01 31.79 -3.85
C VAL B 188 25.94 32.56 -2.54
N ASP C 1 29.74 -24.01 -25.67
N ASP C 1 -24.73 -28.42 1.58
CA ASP C 1 28.69 -24.17 -24.61
CA ASP C 1 -25.77 -28.59 2.63
C ASP C 1 27.60 -23.11 -24.75
C ASP C 1 -26.87 -27.53 2.52
N ILE C 2 27.91 -21.89 -24.35
N ILE C 2 -26.55 -26.30 2.93
CA ILE C 2 26.97 -20.78 -24.42
CA ILE C 2 -27.49 -25.20 2.88
C ILE C 2 26.22 -20.73 -25.76
C ILE C 2 -28.24 -25.13 1.53
N LEU C 3 24.92 -20.47 -25.69
N LEU C 3 -29.55 -24.87 1.61
CA LEU C 3 24.04 -20.42 -26.86
CA LEU C 3 -30.43 -24.79 0.44
C LEU C 3 24.59 -19.65 -28.06
C LEU C 3 -29.87 -24.01 -0.74
N GLU C 4 24.40 -20.23 -29.24
N GLU C 4 -30.06 -24.56 -1.93
CA GLU C 4 24.86 -19.65 -30.51
CA GLU C 4 -29.61 -23.97 -3.19
C GLU C 4 25.99 -18.64 -30.42
C GLU C 4 -28.48 -22.95 -3.08
N CYS C 5 26.93 -18.88 -29.51
N CYS C 5 -27.53 -23.21 -2.18
CA CYS C 5 28.07 -17.97 -29.37
CA CYS C 5 -26.39 -22.32 -2.03
C CYS C 5 29.29 -18.77 -29.78
C CYS C 5 -25.17 -23.10 -2.45
N ASP C 6 30.10 -18.18 -30.67
N ASP C 6 -24.37 -22.51 -3.34
CA ASP C 6 31.32 -18.84 -31.15
CA ASP C 6 -23.15 -23.16 -3.83
C ASP C 6 32.31 -18.77 -30.00
C ASP C 6 -22.16 -23.11 -2.67
N TYR C 7 33.17 -19.77 -29.86
N TYR C 7 -21.29 -24.12 -2.56
CA TYR C 7 34.11 -19.75 -28.75
CA TYR C 7 -20.35 -24.12 -1.45
C TYR C 7 34.93 -18.48 -28.68
C TYR C 7 -19.53 -22.85 -1.34
N PHE C 8 35.87 -18.33 -29.60
N PHE C 8 -18.60 -22.68 -2.28
CA PHE C 8 36.77 -17.18 -29.64
CA PHE C 8 -17.69 -21.55 -2.31
C PHE C 8 36.15 -15.81 -29.35
C PHE C 8 -18.30 -20.17 -1.99
N ASP C 9 34.83 -15.78 -29.18
N ASP C 9 -19.62 -20.14 -1.82
CA ASP C 9 34.15 -14.54 -28.85
CA ASP C 9 -20.31 -18.91 -1.47
C ASP C 9 33.71 -14.60 -27.40
C ASP C 9 -20.75 -18.99 -0.01
N THR C 10 34.51 -15.27 -26.57
N THR C 10 -19.94 -19.67 0.79
CA THR C 10 34.21 -15.41 -25.16
CA THR C 10 -20.24 -19.83 2.21
C THR C 10 35.40 -14.99 -24.33
C THR C 10 -19.05 -19.43 3.05
N VAL C 11 35.21 -14.92 -23.01
N VAL C 11 -19.23 -19.37 4.37
CA VAL C 11 36.29 -14.51 -22.12
CA VAL C 11 -18.16 -18.99 5.27
C VAL C 11 36.14 -15.19 -20.76
C VAL C 11 -18.30 -19.68 6.61
N ASP C 12 37.27 -15.32 -20.05
N ASP C 12 -17.18 -19.83 7.32
CA ASP C 12 37.27 -15.93 -18.71
CA ASP C 12 -17.18 -20.46 8.64
C ASP C 12 36.71 -14.91 -17.73
C ASP C 12 -17.72 -19.44 9.64
N ILE C 13 35.45 -15.03 -17.35
N ILE C 13 -18.99 -19.58 10.02
CA ILE C 13 34.86 -14.08 -16.41
CA ILE C 13 -19.58 -18.63 10.98
C ILE C 13 34.76 -14.59 -14.98
C ILE C 13 -19.68 -19.17 12.41
N SER C 14 35.46 -15.68 -14.69
N SER C 14 -18.98 -20.27 12.67
CA SER C 14 35.44 -16.26 -13.35
CA SER C 14 -19.00 -20.87 14.00
C SER C 14 35.90 -15.24 -12.34
C SER C 14 -18.53 -19.86 15.03
N ALA C 15 36.22 -14.04 -12.83
N ALA C 15 -18.21 -18.65 14.57
CA ALA C 15 36.70 -12.97 -11.95
CA ALA C 15 -17.74 -17.60 15.45
C ALA C 15 35.73 -11.80 -11.90
C ALA C 15 -18.70 -16.42 15.52
N ALA C 16 34.68 -11.87 -12.71
N ALA C 16 -19.75 -16.48 14.72
CA ALA C 16 33.67 -10.81 -12.75
CA ALA C 16 -20.75 -15.42 14.69
C ALA C 16 32.72 -10.93 -11.57
C ALA C 16 -21.71 -15.56 15.87
N GLN C 17 32.07 -9.83 -11.21
N GLN C 17 -22.35 -14.46 16.25
CA GLN C 17 31.12 -9.83 -10.10
CA GLN C 17 -23.30 -14.47 17.36
C GLN C 17 29.83 -10.48 -10.53
C GLN C 17 -24.60 -15.11 16.92
N LYS C 18 29.25 -11.29 -9.65
N LYS C 18 -25.17 -15.93 17.79
CA LYS C 18 28.00 -11.98 -9.93
CA LYS C 18 -26.43 -16.63 17.50
C LYS C 18 26.80 -11.25 -9.32
C LYS C 18 -27.62 -15.90 18.12
N LEU C 19 25.99 -10.62 -10.17
N LEU C 19 -28.43 -15.25 17.28
CA LEU C 19 24.83 -9.87 -9.70
CA LEU C 19 -29.60 -14.51 17.75
C LEU C 19 23.69 -10.72 -9.15
C LEU C 19 -30.72 -15.36 18.31
N GLN C 20 22.67 -10.01 -8.68
N GLN C 20 -31.75 -14.66 18.78
CA GLN C 20 21.47 -10.60 -8.08
CA GLN C 20 -32.95 -15.25 19.36
C GLN C 20 20.55 -11.24 -9.13
C GLN C 20 -33.87 -15.87 18.32
N ASN C 21 20.18 -10.47 -10.15
N ASN C 21 -34.25 -15.09 17.31
CA ASN C 21 19.29 -10.97 -11.20
CA ASN C 21 -35.13 -15.57 16.26
C ASN C 21 19.96 -12.04 -12.07
C ASN C 21 -34.47 -16.63 15.37
N GLY C 22 20.96 -12.72 -11.50
N GLY C 22 -33.47 -17.31 15.92
CA GLY C 22 21.65 -13.77 -12.22
CA GLY C 22 -32.79 -18.36 15.19
C GLY C 22 22.79 -13.33 -13.12
C GLY C 22 -31.64 -17.91 14.30
N SER C 23 22.61 -12.20 -13.80
N SER C 23 -31.82 -16.77 13.63
CA SER C 23 23.63 -11.67 -14.71
CA SER C 23 -30.81 -16.23 12.73
C SER C 23 24.91 -11.33 -13.98
C SER C 23 -29.51 -15.91 13.46
N TYR C 24 25.95 -11.01 -14.75
N TYR C 24 -28.48 -15.57 12.71
CA TYR C 24 27.25 -10.67 -14.18
CA TYR C 24 -27.18 -15.24 13.28
C TYR C 24 27.69 -9.24 -14.44
C TYR C 24 -26.73 -13.81 13.03
N LEU C 25 28.65 -8.80 -13.64
N LEU C 25 -25.77 -13.38 13.83
CA LEU C 25 29.24 -7.49 -13.80
CA LEU C 25 -25.18 -12.07 13.69
C LEU C 25 30.71 -7.82 -14.04
C LEU C 25 -23.72 -12.41 13.44
N PHE C 26 31.27 -7.26 -15.11
N PHE C 26 -23.15 -11.82 12.39
CA PHE C 26 32.64 -7.56 -15.49
CA PHE C 26 -21.77 -12.13 11.99
C PHE C 26 33.38 -6.36 -16.08
C PHE C 26 -21.04 -10.91 11.43
N GLU C 27 34.36 -5.85 -15.35
N GLU C 27 -20.06 -10.42 12.17
CA GLU C 27 35.12 -4.69 -15.79
CA GLU C 27 -19.29 -9.26 11.74
C GLU C 27 34.16 -3.58 -16.22
C GLU C 27 -20.24 -8.14 11.33
N GLY C 28 33.18 -3.29 -15.38
N GLY C 28 -21.22 -7.86 12.17
CA GLY C 28 32.23 -2.24 -15.73
CA GLY C 28 -22.17 -6.82 11.84
C GLY C 28 31.21 -2.71 -16.76
C GLY C 28 -23.20 -7.25 10.81
N LEU C 29 31.58 -3.73 -17.52
N LEU C 29 -22.83 -8.27 10.03
CA LEU C 29 30.69 -4.29 -18.54
CA LEU C 29 -23.72 -8.81 9.01
C LEU C 29 29.68 -5.22 -17.86
C LEU C 29 -24.75 -9.74 9.66
N LEU C 30 28.43 -5.16 -18.32
N LEU C 30 -25.99 -9.68 9.21
CA LEU C 30 27.38 -6.01 -17.77
CA LEU C 30 -27.04 -10.53 9.75
C LEU C 30 27.09 -7.16 -18.72
C LEU C 30 -27.33 -11.66 8.79
N VAL C 31 27.54 -8.35 -18.34
N VAL C 31 -26.89 -12.86 9.15
CA VAL C 31 27.33 -9.52 -19.17
CA VAL C 31 -27.10 -14.01 8.29
C VAL C 31 26.00 -10.15 -18.82
C VAL C 31 -28.43 -14.66 8.65
N PRO C 32 24.99 -10.02 -19.69
N PRO C 32 -29.44 -14.51 7.76
CA PRO C 32 23.68 -10.61 -19.42
CA PRO C 32 -30.76 -15.09 8.03
C PRO C 32 23.91 -12.04 -18.96
C PRO C 32 -30.53 -16.53 8.48
N ALA C 33 23.09 -12.54 -18.04
N ALA C 33 -31.35 -17.05 9.39
CA ALA C 33 23.26 -13.91 -17.54
CA ALA C 33 -31.17 -18.42 9.86
C ALA C 33 23.11 -14.94 -18.66
C ALA C 33 -31.34 -19.44 8.73
N ILE C 34 22.16 -14.68 -19.55
N ILE C 34 -32.29 -19.16 7.83
CA ILE C 34 21.87 -15.59 -20.67
CA ILE C 34 -32.57 -20.05 6.72
C ILE C 34 23.04 -15.85 -21.62
C ILE C 34 -31.40 -20.30 5.76
N LEU C 35 24.03 -14.96 -21.65
N LEU C 35 -30.41 -19.41 5.74
CA LEU C 35 25.20 -15.12 -22.53
CA LEU C 35 -29.24 -19.56 4.85
C LEU C 35 26.40 -15.77 -21.81
C LEU C 35 -28.05 -20.22 5.55
N THR C 36 26.31 -15.94 -20.50
N THR C 36 -28.13 -20.41 6.87
CA THR C 36 27.40 -16.56 -19.77
CA THR C 36 -27.04 -21.05 7.60
C THR C 36 27.23 -18.06 -19.85
C THR C 36 -27.22 -22.55 7.48
N GLY C 37 28.30 -18.78 -19.53
N GLY C 37 -26.16 -23.27 7.80
CA GLY C 37 28.26 -20.23 -19.58
CA GLY C 37 -26.20 -24.73 7.73
C GLY C 37 29.51 -20.87 -18.99
C GLY C 37 -24.95 -25.38 8.30
N GLU C 38 29.32 -22.04 -18.39
N GLU C 38 -25.15 -26.55 8.89
CA GLU C 38 30.39 -22.79 -17.78
CA GLU C 38 -24.06 -27.31 9.48
C GLU C 38 31.14 -23.55 -18.87
C GLU C 38 -23.33 -28.06 8.37
N TYR C 39 32.40 -23.87 -18.63
N TYR C 39 -22.07 -28.38 8.62
CA TYR C 39 33.20 -24.58 -19.61
CA TYR C 39 -21.27 -29.09 7.62
C TYR C 39 34.21 -25.48 -18.93
C TYR C 39 -20.25 -30.00 8.29
N ASP C 40 34.32 -26.69 -19.47
N ASP C 40 -20.15 -31.19 7.73
CA ASP C 40 35.26 -27.69 -18.99
CA ASP C 40 -19.21 -32.20 8.20
C ASP C 40 36.31 -27.87 -20.07
C ASP C 40 -18.17 -32.37 7.10
N PHE C 41 36.11 -27.17 -21.19
N PHE C 41 -18.36 -31.65 6.00
CA PHE C 41 37.03 -27.27 -22.31
CA PHE C 41 -17.45 -31.74 4.87
C PHE C 41 37.52 -25.93 -22.82
C PHE C 41 -16.95 -30.40 4.38
N ARG C 42 38.54 -26.01 -23.68
N ARG C 42 -15.93 -30.46 3.53
CA ARG C 42 39.13 -24.85 -24.33
CA ARG C 42 -15.34 -29.29 2.88
C ARG C 42 39.68 -25.38 -25.66
C ARG C 42 -14.80 -29.80 1.56
N ILE C 43 39.00 -25.00 -26.73
N ILE C 43 -15.47 -29.41 0.49
CA ILE C 43 39.36 -25.43 -28.07
CA ILE C 43 -15.12 -29.82 -0.86
C ILE C 43 40.82 -25.19 -28.46
C ILE C 43 -13.66 -29.58 -1.23
N LEU C 44 41.35 -26.08 -29.29
N LEU C 44 -13.13 -30.46 -2.09
CA LEU C 44 42.73 -26.02 -29.72
CA LEU C 44 -11.75 -30.40 -2.52
C LEU C 44 42.92 -25.56 -31.15
C LEU C 44 -11.56 -29.91 -3.94
N PRO C 45 44.17 -25.29 -31.55
N PRO C 45 -10.30 -29.64 -4.33
CA PRO C 45 44.47 -24.85 -32.91
CA PRO C 45 -10.00 -29.17 -5.69
C PRO C 45 44.01 -25.90 -33.90
C PRO C 45 -10.48 -30.21 -6.70
N ASP C 46 44.27 -27.17 -33.60
N ASP C 46 -10.22 -31.48 -6.42
CA ASP C 46 43.82 -28.26 -34.47
CA ASP C 46 -10.66 -32.56 -7.30
C ASP C 46 42.31 -28.28 -34.31
C ASP C 46 -12.18 -32.58 -7.14
N ASP C 47 41.86 -27.53 -33.32
N ASP C 47 -12.63 -31.84 -6.13
CA ASP C 47 40.45 -27.33 -33.00
CA ASP C 47 -14.03 -31.65 -5.82
C ASP C 47 39.64 -28.54 -32.55
C ASP C 47 -14.86 -32.85 -5.39
N SER C 48 39.90 -28.92 -31.31
N SER C 48 -14.59 -33.26 -4.15
CA SER C 48 39.23 -30.03 -30.65
CA SER C 48 -15.26 -34.37 -3.50
C SER C 48 38.78 -29.47 -29.30
C SER C 48 -15.71 -33.83 -2.16
N LYS C 49 38.45 -30.34 -28.36
N LYS C 49 -16.04 -34.72 -1.23
CA LYS C 49 38.02 -29.88 -27.05
CA LYS C 49 -16.46 -34.29 0.09
C LYS C 49 38.94 -30.45 -25.99
C LYS C 49 -15.55 -34.87 1.15
N GLN C 50 39.84 -29.64 -25.46
N GLN C 50 -14.64 -34.06 1.68
CA GLN C 50 40.73 -30.12 -24.43
CA GLN C 50 -13.75 -34.57 2.71
C GLN C 50 40.15 -29.77 -23.06
C GLN C 50 -14.34 -34.24 4.08
N LYS C 51 40.24 -30.70 -22.11
N LYS C 51 -14.24 -35.18 5.02
CA LYS C 51 39.70 -30.50 -20.76
CA LYS C 51 -14.79 -35.00 6.38
C LYS C 51 40.29 -29.27 -20.08
C LYS C 51 -14.19 -33.78 7.08
N VAL C 52 39.53 -28.67 -19.16
N VAL C 52 -14.95 -33.20 8.00
CA VAL C 52 39.96 -27.49 -18.42
CA VAL C 52 -14.51 -32.03 8.76
C VAL C 52 39.09 -27.32 -17.19
C VAL C 52 -15.39 -31.87 9.99
N ALA C 53 39.58 -26.60 -16.20
N ALA C 53 -14.89 -31.17 10.99
CA ALA C 53 38.82 -26.37 -14.98
CA ALA C 53 -15.65 -30.95 12.21
C ALA C 53 37.44 -25.78 -15.30
C ALA C 53 -17.02 -30.36 11.90
N ARG C 54 36.45 -26.13 -14.49
N ARG C 54 -18.02 -30.71 12.72
CA ARG C 54 35.08 -25.64 -14.67
CA ARG C 54 -19.37 -30.22 12.55
C ARG C 54 35.06 -24.12 -14.52
C ARG C 54 -19.40 -28.71 12.71
N HIS C 55 35.48 -23.39 -15.55
N HIS C 55 -18.99 -27.96 11.70
CA HIS C 55 35.46 -21.94 -15.47
CA HIS C 55 -18.99 -26.50 11.80
C HIS C 55 34.34 -21.30 -16.29
C HIS C 55 -20.11 -25.86 11.00
N ILE C 56 33.61 -20.38 -15.66
N ILE C 56 -20.84 -24.95 11.63
CA ILE C 56 32.49 -19.68 -16.29
CA ILE C 56 -21.96 -24.24 11.02
C ILE C 56 32.99 -18.62 -17.27
C ILE C 56 -21.45 -23.16 10.06
N ARG C 57 32.53 -18.66 -18.51
N ARG C 57 -21.93 -23.17 8.82
CA ARG C 57 32.98 -17.69 -19.49
CA ARG C 57 -21.46 -22.19 7.85
C ARG C 57 31.94 -16.66 -19.86
C ARG C 57 -22.50 -21.15 7.49
N GLY C 58 32.33 -15.69 -20.69
N GLY C 58 -22.11 -20.18 6.67
CA GLY C 58 31.41 -14.65 -21.11
CA GLY C 58 -23.03 -19.13 6.27
C GLY C 58 31.57 -14.22 -22.56
C GLY C 58 -22.87 -18.68 4.83
N CYS C 59 30.50 -14.41 -23.33
N CYS C 59 -23.94 -18.84 4.06
CA CYS C 59 30.46 -14.07 -24.75
CA CYS C 59 -23.99 -18.49 2.65
C CYS C 59 30.40 -12.57 -24.94
C CYS C 59 -24.04 -16.99 2.48
N VAL C 60 31.27 -11.82 -24.25
N VAL C 60 -23.16 -16.26 3.17
CA VAL C 60 31.27 -10.36 -24.33
CA VAL C 60 -23.16 -14.79 3.11
C VAL C 60 31.56 -9.71 -25.69
C VAL C 60 -22.87 -14.12 1.77
N CYS C 61 32.36 -10.35 -26.54
N CYS C 61 -22.08 -14.75 0.91
CA CYS C 61 32.68 -9.77 -27.83
CA CYS C 61 -21.76 -14.14 -0.37
C CYS C 61 31.45 -9.27 -28.59
C CYS C 61 -22.99 -13.64 -1.12
N LYS C 62 30.26 -9.69 -28.15
N LYS C 62 -24.18 -14.05 -0.68
CA LYS C 62 29.01 -9.29 -28.78
CA LYS C 62 -25.43 -13.64 -1.31
C LYS C 62 28.31 -8.18 -28.00
C LYS C 62 -26.13 -12.55 -0.51
N LEU C 63 28.98 -7.67 -26.97
N LEU C 63 -25.46 -12.05 0.53
CA LEU C 63 28.40 -6.60 -26.15
CA LEU C 63 -26.03 -10.99 1.35
C LEU C 63 29.35 -5.39 -26.11
C LEU C 63 -25.08 -9.79 1.41
N LYS C 64 30.53 -5.58 -26.71
N LYS C 64 -23.90 -9.97 0.82
CA LYS C 64 31.58 -4.57 -26.79
CA LYS C 64 -22.85 -8.96 0.75
C LYS C 64 32.67 -5.16 -27.66
C LYS C 64 -21.76 -9.54 -0.14
N PRO C 65 33.13 -4.41 -28.68
N PRO C 65 -21.29 -8.78 -1.13
CA PRO C 65 34.17 -4.83 -29.63
CA PRO C 65 -20.26 -9.18 -2.09
C PRO C 65 35.39 -5.50 -28.99
C PRO C 65 -19.05 -9.87 -1.47
N CYS C 66 35.93 -6.49 -29.70
N CYS C 66 -18.50 -10.85 -2.20
CA CYS C 66 37.07 -7.25 -29.22
CA CYS C 66 -17.36 -11.61 -1.73
C CYS C 66 38.30 -7.06 -30.10
C CYS C 66 -16.13 -11.41 -2.60
N VAL C 67 39.43 -7.61 -29.64
N VAL C 67 -15.00 -11.97 -2.17
CA VAL C 67 40.69 -7.53 -30.39
CA VAL C 67 -13.74 -11.89 -2.91
C VAL C 67 41.45 -8.84 -30.21
C VAL C 67 -12.99 -13.21 -2.74
N ARG C 68 41.27 -9.76 -31.14
N ARG C 68 -13.18 -14.11 -3.69
CA ARG C 68 41.93 -11.05 -31.08
CA ARG C 68 -12.51 -15.39 -3.64
C ARG C 68 43.44 -10.91 -30.86
C ARG C 68 -11.01 -15.27 -3.43
N PHE C 69 43.91 -11.25 -29.65
N PHE C 69 -10.54 -15.62 -2.23
CA PHE C 69 45.32 -11.16 -29.29
CA PHE C 69 -9.13 -15.54 -1.86
C PHE C 69 45.96 -12.54 -29.15
C PHE C 69 -8.49 -16.93 -1.75
N CYS C 70 47.24 -12.66 -29.48
N CYS C 70 -7.21 -17.05 -2.08
CA CYS C 70 47.90 -13.97 -29.37
CA CYS C 70 -6.54 -18.36 -1.98
C CYS C 70 48.40 -14.20 -27.94
C CYS C 70 -6.05 -18.61 -0.57
N CYS C 71 48.92 -13.15 -27.30
N CYS C 71 -5.53 -17.58 0.09
CA CYS C 71 49.40 -13.24 -25.93
CA CYS C 71 -5.05 -17.69 1.46
C CYS C 71 48.76 -12.10 -25.14
C CYS C 71 -5.68 -16.57 2.26
N PRO C 72 49.07 -11.98 -23.83
N PRO C 72 -5.37 -16.45 3.56
CA PRO C 72 48.49 -10.89 -23.05
CA PRO C 72 -5.95 -15.38 4.38
C PRO C 72 48.69 -9.49 -23.64
C PRO C 72 -5.74 -13.97 3.80
N HIS C 73 48.56 -8.45 -22.82
N HIS C 73 -5.87 -12.95 4.64
CA HIS C 73 48.68 -7.08 -23.31
CA HIS C 73 -5.74 -11.56 4.17
C HIS C 73 50.05 -6.41 -23.16
C HIS C 73 -4.38 -10.90 4.32
N ASP C 74 50.92 -6.97 -22.33
N ASP C 74 -3.50 -11.47 5.15
CA ASP C 74 52.25 -6.40 -22.13
CA ASP C 74 -2.17 -10.92 5.36
C ASP C 74 53.31 -7.22 -22.87
C ASP C 74 -1.12 -11.72 4.60
N HIS C 75 52.85 -8.33 -23.45
N HIS C 75 -1.58 -12.83 4.01
CA HIS C 75 53.70 -9.26 -24.20
CA HIS C 75 -0.74 -13.74 3.24
C HIS C 75 54.03 -8.82 -25.62
C HIS C 75 -0.40 -13.28 1.82
N ILE C 76 55.30 -8.99 -26.01
N ILE C 76 0.86 -13.45 1.44
CA ILE C 76 55.70 -8.62 -27.35
CA ILE C 76 1.26 -13.06 0.10
C ILE C 76 56.00 -9.85 -28.17
C ILE C 76 1.56 -14.28 -0.74
N MET C 77 55.34 -9.95 -29.32
N MET C 77 0.91 -14.37 -1.88
CA MET C 77 55.57 -11.09 -30.18
CA MET C 77 1.11 -15.48 -2.77
C MET C 77 57.00 -11.05 -30.68
C MET C 77 2.56 -15.44 -3.26
N ASP C 78 57.61 -12.23 -30.75
N ASP C 78 3.16 -16.62 -3.36
CA ASP C 78 58.98 -12.37 -31.21
CA ASP C 78 4.53 -16.76 -3.82
C ASP C 78 59.08 -13.65 -32.04
C ASP C 78 4.62 -18.03 -4.66
N ASN C 79 58.90 -13.51 -33.34
N ASN C 79 4.45 -17.87 -5.97
CA ASN C 79 59.00 -14.66 -34.22
CA ASN C 79 4.54 -19.01 -6.87
C ASN C 79 57.94 -15.69 -33.85
C ASN C 79 3.47 -20.04 -6.51
N GLY C 80 56.70 -15.21 -33.69
N GLY C 80 2.24 -19.56 -6.34
CA GLY C 80 55.58 -16.08 -33.35
CA GLY C 80 1.12 -20.43 -6.01
C GLY C 80 55.60 -16.67 -31.95
C GLY C 80 1.14 -21.04 -4.62
N VAL C 81 56.59 -16.27 -31.15
N VAL C 81 2.12 -20.65 -3.82
CA VAL C 81 56.73 -16.76 -29.79
CA VAL C 81 2.27 -21.16 -2.46
C VAL C 81 56.34 -15.68 -28.78
C VAL C 81 1.88 -20.10 -1.44
N CYS C 82 55.39 -15.99 -27.90
N CYS C 82 0.94 -20.43 -0.56
CA CYS C 82 54.97 -15.04 -26.88
CA CYS C 82 0.51 -19.49 0.48
C CYS C 82 56.15 -14.70 -25.98
C CYS C 82 1.70 -19.16 1.38
N TYR C 83 56.49 -13.42 -25.93
N TYR C 83 2.05 -17.88 1.45
CA TYR C 83 57.61 -12.97 -25.11
CA TYR C 83 3.16 -17.45 2.28
C TYR C 83 57.12 -11.91 -24.11
C TYR C 83 2.68 -16.40 3.28
N ASP C 84 57.53 -12.05 -22.85
N ASP C 84 3.09 -16.56 4.55
CA ASP C 84 57.16 -11.12 -21.80
CA ASP C 84 2.73 -15.65 5.62
C ASP C 84 58.39 -10.46 -21.19
C ASP C 84 3.96 -15.00 6.24
N ASN C 85 59.08 -9.66 -21.99
N ASN C 85 4.65 -14.19 5.45
CA ASN C 85 60.27 -8.97 -21.53
CA ASN C 85 5.85 -13.51 5.91
C ASN C 85 60.30 -7.55 -22.07
C ASN C 85 5.87 -12.07 5.39
N MET C 86 59.14 -6.90 -22.09
N MET C 86 4.71 -11.43 5.37
CA MET C 86 59.06 -5.54 -22.58
CA MET C 86 4.64 -10.06 4.90
C MET C 86 59.47 -4.56 -21.48
C MET C 86 5.05 -9.10 6.03
N SER C 87 60.58 -3.86 -21.70
N SER C 87 6.15 -8.40 5.82
CA SER C 87 61.09 -2.90 -20.73
CA SER C 87 6.68 -7.45 6.80
C SER C 87 60.23 -1.65 -20.65
C SER C 87 5.81 -6.20 6.90
N ASP C 88 60.42 -0.89 -19.57
N ASP C 88 6.01 -5.45 7.99
CA ASP C 88 59.69 0.35 -19.35
CA ASP C 88 5.28 -4.23 8.23
C ASP C 88 59.83 1.28 -20.55
C ASP C 88 5.42 -3.27 7.04
N GLU C 89 60.93 1.14 -21.29
N GLU C 89 6.52 -3.41 6.30
CA GLU C 89 61.19 1.96 -22.46
CA GLU C 89 6.79 -2.56 5.14
C GLU C 89 60.32 1.58 -23.66
C GLU C 89 5.92 -2.93 3.95
N GLU C 90 60.38 0.30 -24.01
N GLU C 90 5.96 -4.20 3.56
CA GLU C 90 59.61 -0.21 -25.14
CA GLU C 90 5.19 -4.70 2.43
C GLU C 90 58.12 0.06 -24.99
C GLU C 90 3.71 -4.42 2.59
N LEU C 91 57.59 -0.22 -23.80
N LEU C 91 3.17 -4.71 3.77
CA LEU C 91 56.17 0.01 -23.51
CA LEU C 91 1.76 -4.48 4.06
C LEU C 91 55.84 1.49 -23.69
C LEU C 91 1.43 -3.00 3.91
N ALA C 92 56.82 2.34 -23.41
N ALA C 92 2.42 -2.16 4.20
CA ALA C 92 56.64 3.78 -23.54
CA ALA C 92 2.24 -0.72 4.09
C ALA C 92 56.86 4.22 -24.99
C ALA C 92 2.46 -0.26 2.66
N GLU C 93 57.06 3.25 -25.88
N GLU C 93 2.66 -1.21 1.76
CA GLU C 93 57.29 3.55 -27.29
CA GLU C 93 2.89 -0.90 0.35
C GLU C 93 56.45 2.67 -28.21
C GLU C 93 2.04 -1.76 -0.59
N LEU C 94 55.30 2.18 -27.75
N LEU C 94 0.89 -2.26 -0.13
CA LEU C 94 54.52 1.29 -28.61
CA LEU C 94 0.10 -3.13 -1.01
C LEU C 94 53.13 1.72 -29.08
C LEU C 94 -1.28 -2.69 -1.47
N ASP C 95 53.08 2.16 -30.34
N ASP C 95 -1.34 -2.24 -2.72
CA ASP C 95 51.84 2.59 -30.98
CA ASP C 95 -2.57 -1.79 -3.36
C ASP C 95 50.74 1.66 -30.51
C ASP C 95 -3.67 -2.73 -2.91
N PRO C 96 49.90 2.12 -29.58
N PRO C 96 -4.51 -2.28 -1.96
CA PRO C 96 48.81 1.29 -29.06
CA PRO C 96 -5.60 -3.11 -1.46
C PRO C 96 47.54 1.31 -29.91
C PRO C 96 -6.87 -3.07 -2.30
N PHE C 97 47.56 2.06 -31.01
N PHE C 97 -6.86 -2.31 -3.39
CA PHE C 97 46.36 2.17 -31.87
CA PHE C 97 -8.05 -2.18 -4.24
C PHE C 97 46.36 1.36 -33.17
C PHE C 97 -8.06 -2.97 -5.55
N LEU C 98 45.28 0.64 -33.38
N LEU C 98 -9.14 -3.69 -5.78
CA LEU C 98 45.08 -0.15 -34.59
CA LEU C 98 -9.34 -4.47 -7.00
C LEU C 98 44.04 0.58 -35.41
C LEU C 98 -10.38 -3.70 -7.81
N ASN C 99 44.03 0.39 -36.71
N ASN C 99 -10.40 -3.89 -9.11
CA ASN C 99 43.01 1.03 -37.51
CA ASN C 99 -11.41 -3.22 -9.90
C ASN C 99 41.93 -0.01 -37.73
C ASN C 99 -12.50 -4.25 -10.13
N VAL C 100 40.71 0.28 -37.32
N VAL C 100 -13.73 -3.98 -9.71
CA VAL C 100 39.63 -0.69 -37.52
CA VAL C 100 -14.80 -4.95 -9.93
C VAL C 100 38.49 -0.07 -38.33
C VAL C 100 -15.94 -4.31 -10.73
N THR C 101 38.00 -0.81 -39.31
N THR C 101 -16.43 -5.03 -11.73
CA THR C 101 36.93 -0.34 -40.18
CA THR C 101 -17.50 -4.54 -12.59
C THR C 101 35.55 -0.64 -39.59
C THR C 101 -18.87 -4.84 -11.99
N LEU C 102 34.83 0.42 -39.22
N LEU C 102 -19.60 -3.80 -11.62
CA LEU C 102 33.50 0.27 -38.64
CA LEU C 102 -20.93 -3.94 -11.03
C LEU C 102 32.49 -0.21 -39.68
C LEU C 102 -21.94 -4.41 -12.08
N ASP C 103 31.27 -0.47 -39.23
N ASP C 103 -23.16 -4.68 -11.63
CA ASP C 103 30.18 -0.95 -40.09
CA ASP C 103 -24.24 -5.14 -12.49
C ASP C 103 29.93 -0.04 -41.28
C ASP C 103 -24.49 -4.21 -13.67
N ASP C 104 30.00 1.27 -41.06
N ASP C 104 -24.43 -2.91 -13.42
CA ASP C 104 29.76 2.25 -42.10
CA ASP C 104 -24.67 -1.90 -14.46
C ASP C 104 30.86 2.36 -43.15
C ASP C 104 -23.57 -1.78 -15.51
N GLY C 105 31.88 1.53 -43.05
N GLY C 105 -22.54 -2.62 -15.42
CA GLY C 105 32.95 1.55 -44.04
CA GLY C 105 -21.48 -2.57 -16.41
C GLY C 105 34.09 2.55 -43.86
C GLY C 105 -20.33 -1.59 -16.22
N SER C 106 34.05 3.38 -42.83
N SER C 106 -20.38 -0.78 -15.16
CA SER C 106 35.11 4.36 -42.60
CA SER C 106 -19.31 0.19 -14.93
C SER C 106 36.10 3.79 -41.59
C SER C 106 -18.32 -0.38 -13.92
N VAL C 107 37.28 4.41 -41.49
N VAL C 107 -17.14 0.23 -13.83
CA VAL C 107 38.29 3.96 -40.55
CA VAL C 107 -16.13 -0.24 -12.89
C VAL C 107 38.49 4.87 -39.35
C VAL C 107 -15.92 0.66 -11.67
N SER C 108 38.56 4.27 -38.17
N SER C 108 -15.85 0.05 -10.50
CA SER C 108 38.74 5.02 -36.92
CA SER C 108 -15.67 0.76 -9.25
C SER C 108 39.91 4.47 -36.11
C SER C 108 -14.50 0.20 -8.44
N ARG C 109 40.69 5.36 -35.51
N ARG C 109 -13.73 1.08 -7.83
CA ARG C 109 41.84 4.99 -34.69
CA ARG C 109 -12.57 0.69 -7.02
C ARG C 109 41.36 4.55 -33.31
C ARG C 109 -13.05 0.24 -5.64
N ARG C 110 41.73 3.35 -32.88
N ARG C 110 -12.68 -0.98 -5.23
CA ARG C 110 41.28 2.85 -31.56
CA ARG C 110 -13.13 -1.50 -3.93
C ARG C 110 42.37 2.29 -30.66
C ARG C 110 -12.05 -2.07 -3.03
N HIS C 111 42.41 2.77 -29.42
N HIS C 111 -12.00 -1.61 -1.78
CA HIS C 111 43.38 2.29 -28.43
CA HIS C 111 -11.03 -2.10 -0.80
C HIS C 111 43.24 0.79 -28.37
C HIS C 111 -11.18 -3.62 -0.77
N PHE C 112 44.34 0.05 -28.43
N PHE C 112 -10.08 -4.35 -0.82
CA PHE C 112 44.24 -1.40 -28.40
CA PHE C 112 -10.18 -5.80 -0.83
C PHE C 112 43.63 -1.95 -27.12
C PHE C 112 -10.78 -6.36 0.44
N LYS C 113 43.94 -1.33 -25.98
N LYS C 113 -10.47 -5.76 1.59
CA LYS C 113 43.45 -1.82 -24.71
CA LYS C 113 -10.97 -6.27 2.86
C LYS C 113 42.35 -1.03 -23.99
C LYS C 113 -12.06 -5.50 3.59
N ASN C 114 42.13 0.22 -24.37
N ASN C 114 -12.28 -4.23 3.23
CA ASN C 114 41.11 1.05 -23.70
CA ASN C 114 -13.30 -3.41 3.91
C ASN C 114 39.74 1.11 -24.38
C ASN C 114 -14.67 -3.33 3.24
N GLU C 115 39.73 1.35 -25.69
N GLU C 115 -14.68 -3.07 1.93
CA GLU C 115 38.48 1.42 -26.44
CA GLU C 115 -15.93 -2.99 1.18
C GLU C 115 37.99 0.02 -26.82
C GLU C 115 -16.42 -4.39 0.79
N LEU C 116 38.79 -0.99 -26.51
N LEU C 116 -15.63 -5.41 1.08
CA LEU C 116 38.43 -2.35 -26.84
CA LEU C 116 -15.99 -6.76 0.73
C LEU C 116 38.61 -3.32 -25.68
C LEU C 116 -15.81 -7.75 1.87
N ILE C 117 38.30 -4.59 -25.93
N ILE C 117 -16.13 -9.01 1.60
CA ILE C 117 38.43 -5.64 -24.92
CA ILE C 117 -16.00 -10.08 2.59
C ILE C 117 39.49 -6.64 -25.38
C ILE C 117 -14.94 -11.06 2.12
N VAL C 118 40.60 -6.66 -24.66
N VAL C 118 -13.82 -11.11 2.84
CA VAL C 118 41.73 -7.54 -25.00
CA VAL C 118 -12.71 -11.98 2.49
C VAL C 118 41.58 -9.02 -24.62
C VAL C 118 -12.85 -13.47 2.84
N GLN C 119 41.38 -9.87 -25.62
N GLN C 119 -13.06 -14.29 1.82
CA GLN C 119 41.24 -11.29 -25.39
CA GLN C 119 -13.20 -15.73 2.04
C GLN C 119 42.63 -11.92 -25.54
C GLN C 119 -11.82 -16.35 1.88
N TRP C 120 43.07 -12.61 -24.50
N TRP C 120 -11.37 -17.06 2.91
CA TRP C 120 44.39 -13.24 -24.51
CA TRP C 120 -10.04 -17.69 2.88
C TRP C 120 44.45 -14.76 -24.22
C TRP C 120 -10.00 -19.21 3.15
N ASP C 121 43.38 -15.33 -23.70
N ASP C 121 -11.07 -19.80 3.66
CA ASP C 121 43.38 -16.76 -23.38
CA ASP C 121 -11.08 -21.22 3.96
C ASP C 121 43.03 -17.69 -24.54
C ASP C 121 -11.43 -22.14 2.78
N LEU C 122 42.81 -17.10 -25.73
N LEU C 122 -11.65 -21.54 1.61
CA LEU C 122 42.47 -17.86 -26.92
CA LEU C 122 -11.99 -22.28 0.40
C LEU C 122 43.70 -18.60 -27.47
C LEU C 122 -10.77 -23.00 -0.17
N PRO C 123 43.54 -19.87 -27.85
N PRO C 123 -10.93 -24.27 -0.56
CA PRO C 123 44.61 -20.71 -28.39
CA PRO C 123 -9.86 -25.10 -1.11
C PRO C 123 45.26 -20.16 -29.67
C PRO C 123 -9.21 -24.55 -2.39
N MET C 124 46.56 -20.36 -29.78
N MET C 124 -7.90 -24.74 -2.50
CA MET C 124 47.31 -19.88 -30.94
CA MET C 124 -7.16 -24.25 -3.65
C MET C 124 46.61 -20.35 -32.22
C MET C 124 -7.86 -24.70 -4.93
N PRO C 125 46.55 -19.48 -33.25
N PRO C 125 -7.91 -23.81 -5.95
CA PRO C 125 45.90 -19.88 -34.50
CA PRO C 125 -8.56 -24.18 -7.22
C PRO C 125 46.70 -20.94 -35.28
C PRO C 125 -7.78 -25.23 -8.01
N CYS C 126 47.93 -21.19 -34.85
N CYS C 126 -6.54 -25.50 -7.59
CA CYS C 126 48.83 -22.18 -35.46
CA CYS C 126 -5.64 -26.47 -8.21
C CYS C 126 50.27 -21.96 -34.97
C CYS C 126 -4.21 -26.28 -7.72
N ASP C 127 51.06 -23.03 -34.97
N ASP C 127 -3.41 -27.34 -7.72
CA ASP C 127 52.46 -22.93 -34.55
CA ASP C 127 -2.02 -27.25 -7.31
C ASP C 127 53.26 -22.43 -35.75
C ASP C 127 -1.23 -26.74 -8.51
N GLY C 128 54.21 -21.54 -35.51
N GLY C 128 -0.26 -25.85 -8.25
CA GLY C 128 54.99 -20.97 -36.60
CA GLY C 128 0.51 -25.27 -9.33
C GLY C 128 54.11 -20.07 -37.45
C GLY C 128 -0.36 -24.36 -10.17
N MET C 129 53.82 -18.86 -36.97
N MET C 129 -0.65 -23.16 -9.67
CA MET C 129 52.95 -17.96 -37.72
CA MET C 129 -1.51 -22.24 -10.41
C MET C 129 53.71 -16.84 -38.41
C MET C 129 -0.76 -21.10 -11.09
N PHE C 130 53.20 -16.42 -39.57
N PHE C 130 -1.27 -20.67 -12.24
CA PHE C 130 53.85 -15.35 -40.29
CA PHE C 130 -0.61 -19.58 -12.94
C PHE C 130 53.15 -14.02 -40.02
C PHE C 130 -1.31 -18.26 -12.65
N TYR C 131 53.86 -13.07 -39.43
N TYR C 131 -0.59 -17.33 -12.04
CA TYR C 131 53.27 -11.77 -39.14
CA TYR C 131 -1.19 -16.03 -11.73
C TYR C 131 53.06 -11.01 -40.44
C TYR C 131 -1.40 -15.24 -13.02
N LEU C 132 52.47 -9.82 -40.36
N LEU C 132 -1.98 -14.05 -12.92
CA LEU C 132 52.24 -9.00 -41.56
CA LEU C 132 -2.22 -13.22 -14.10
C LEU C 132 52.79 -7.60 -41.38
C LEU C 132 -1.66 -11.83 -13.90
N ASP C 133 53.16 -6.96 -42.47
N ASP C 133 -1.29 -11.17 -15.00
CA ASP C 133 53.69 -5.61 -42.42
CA ASP C 133 -0.75 -9.81 -14.92
C ASP C 133 53.05 -4.77 -43.50
C ASP C 133 -1.40 -8.96 -15.99
N ASN C 134 51.87 -4.23 -43.19
N ASN C 134 -2.57 -8.42 -15.66
CA ASN C 134 51.10 -3.40 -44.12
CA ASN C 134 -3.34 -7.58 -16.58
C ASN C 134 51.91 -2.35 -44.88
C ASN C 134 -2.53 -6.52 -17.32
N ARG C 135 53.06 -1.96 -44.34
N ARG C 135 -1.37 -6.15 -16.79
CA ARG C 135 53.89 -0.98 -45.02
CA ARG C 135 -0.55 -5.15 -17.45
C ARG C 135 54.10 -1.49 -46.44
C ARG C 135 -0.34 -5.63 -18.86
N GLU C 136 54.05 -2.81 -46.58
N GLU C 136 -0.39 -6.95 -19.03
CA GLU C 136 54.21 -3.46 -47.87
CA GLU C 136 -0.24 -7.59 -20.33
C GLU C 136 52.83 -3.77 -48.45
C GLU C 136 -1.63 -7.88 -20.92
N GLU C 137 52.60 -3.31 -49.67
N GLU C 137 -1.85 -7.41 -22.14
CA GLU C 137 51.33 -3.50 -50.38
CA GLU C 137 -3.13 -7.58 -22.84
C GLU C 137 50.74 -4.90 -50.27
C GLU C 137 -3.71 -8.99 -22.76
N GLN C 138 51.62 -5.91 -50.23
N GLN C 138 -2.84 -9.99 -22.73
CA GLN C 138 51.17 -7.29 -50.15
CA GLN C 138 -3.28 -11.38 -22.67
C GLN C 138 50.60 -7.59 -48.77
C GLN C 138 -3.85 -11.70 -21.30
N ASP C 139 51.20 -7.02 -47.74
N ASP C 139 -3.25 -11.13 -20.26
CA ASP C 139 50.76 -7.26 -46.38
CA ASP C 139 -3.70 -11.40 -18.90
C ASP C 139 49.59 -6.37 -45.94
C ASP C 139 -4.85 -10.51 -18.45
N LYS C 140 48.94 -5.70 -46.89
N LYS C 140 -5.51 -9.83 -19.38
CA LYS C 140 47.81 -4.83 -46.56
CA LYS C 140 -6.63 -8.96 -19.04
C LYS C 140 46.62 -5.62 -46.03
C LYS C 140 -7.83 -9.76 -18.52
N TYR C 141 45.87 -5.05 -45.10
N TYR C 141 -8.58 -9.20 -17.58
CA TYR C 141 44.72 -5.77 -44.56
CA TYR C 141 -9.73 -9.92 -17.05
C TYR C 141 43.67 -4.82 -43.97
C TYR C 141 -10.77 -8.99 -16.45
N THR C 142 42.54 -5.39 -43.56
N THR C 142 -11.90 -9.56 -16.04
CA THR C 142 41.45 -4.62 -42.97
CA THR C 142 -12.99 -8.78 -15.45
C THR C 142 40.92 -5.37 -41.77
C THR C 142 -13.52 -9.55 -14.25
N LEU C 143 41.12 -4.82 -40.58
N LEU C 143 -13.32 -9.03 -13.05
CA LEU C 143 40.61 -5.48 -39.38
CA LEU C 143 -13.84 -9.70 -11.87
C LEU C 143 39.37 -4.75 -38.91
C LEU C 143 -15.08 -8.98 -11.39
N PHE C 144 38.21 -5.41 -39.02
N PHE C 144 -16.23 -9.62 -11.50
CA PHE C 144 36.94 -4.80 -38.61
CA PHE C 144 -17.49 -9.03 -11.08
C PHE C 144 36.67 -4.87 -37.10
C PHE C 144 -17.77 -9.10 -9.57
N GLU C 145 35.71 -4.06 -36.65
N GLU C 145 -18.72 -8.32 -9.11
CA GLU C 145 35.34 -4.01 -35.24
CA GLU C 145 -19.09 -8.29 -7.70
C GLU C 145 34.78 -5.35 -34.79
C GLU C 145 -19.66 -9.63 -7.27
N ASN C 146 33.99 -5.98 -35.66
N ASN C 146 -20.45 -10.24 -8.15
CA ASN C 146 33.40 -7.27 -35.35
CA ASN C 146 -21.05 -11.53 -7.85
C ASN C 146 34.45 -8.38 -35.28
C ASN C 146 -20.00 -12.65 -7.81
N GLY C 147 35.68 -8.06 -35.67
N GLY C 147 -18.76 -12.32 -8.19
CA GLY C 147 36.75 -9.05 -35.62
CA GLY C 147 -17.70 -13.31 -8.15
C GLY C 147 37.10 -9.79 -36.89
C GLY C 147 -17.35 -14.04 -9.43
N THR C 148 36.34 -9.56 -37.96
N THR C 148 -18.10 -13.79 -10.51
CA THR C 148 36.59 -10.22 -39.24
CA THR C 148 -17.86 -14.43 -11.80
C THR C 148 37.86 -9.69 -39.85
C THR C 148 -16.59 -13.91 -12.40
N PHE C 149 38.88 -10.54 -39.86
N PHE C 149 -15.57 -14.75 -12.42
CA PHE C 149 40.17 -10.17 -40.44
CA PHE C 149 -14.30 -14.39 -12.99
C PHE C 149 40.18 -10.46 -41.93
C PHE C 149 -14.28 -14.64 -14.49
N PHE C 150 40.33 -9.40 -42.72
N PHE C 150 -14.13 -13.57 -15.26
CA PHE C 150 40.36 -9.49 -44.16
CA PHE C 150 -14.10 -13.64 -16.71
C PHE C 150 41.76 -9.14 -44.67
C PHE C 150 -12.70 -13.28 -17.21
N ARG C 151 42.27 -9.93 -45.60
N ARG C 151 -12.19 -14.06 -18.15
CA ARG C 151 43.61 -9.71 -46.14
CA ARG C 151 -10.85 -13.84 -18.69
C ARG C 151 43.42 -9.23 -47.56
C ARG C 151 -11.04 -13.33 -20.11
N HIS C 152 44.15 -8.20 -47.96
N HIS C 152 -10.31 -12.30 -20.50
CA HIS C 152 43.99 -7.66 -49.31
CA HIS C 152 -10.46 -11.75 -21.83
C HIS C 152 44.74 -8.44 -50.37
C HIS C 152 -9.71 -12.50 -22.90
N PHE C 153 45.87 -9.04 -50.01
N PHE C 153 -8.60 -13.11 -22.55
CA PHE C 153 46.61 -9.75 -51.02
CA PHE C 153 -7.86 -13.81 -23.58
C PHE C 153 45.77 -10.79 -51.74
C PHE C 153 -8.70 -14.84 -24.32
N ASP C 154 45.27 -11.78 -51.01
N ASP C 154 -9.21 -15.83 -23.59
CA ASP C 154 44.48 -12.86 -51.60
CA ASP C 154 -9.99 -16.90 -24.19
C ASP C 154 42.99 -12.86 -51.25
C ASP C 154 -11.48 -16.91 -23.85
N ARG C 155 42.43 -11.66 -51.09
N ARG C 155 -12.05 -15.71 -23.66
CA ARG C 155 41.02 -11.48 -50.73
CA ARG C 155 -13.44 -15.53 -23.31
C ARG C 155 40.49 -12.69 -49.98
C ARG C 155 -13.99 -16.75 -22.57
N VAL C 156 41.07 -12.95 -48.82
N VAL C 156 -13.40 -17.04 -21.41
CA VAL C 156 40.68 -14.08 -47.98
CA VAL C 156 -13.80 -18.16 -20.58
C VAL C 156 40.23 -13.58 -46.60
C VAL C 156 -14.24 -17.69 -19.21
N THR C 157 39.08 -14.05 -46.14
N THR C 157 -15.39 -18.16 -18.76
CA THR C 157 38.58 -13.64 -44.83
CA THR C 157 -15.88 -17.77 -17.43
C THR C 157 38.95 -14.64 -43.75
C THR C 157 -15.52 -18.79 -16.37
N LEU C 158 39.38 -14.13 -42.60
N LEU C 158 -15.09 -18.30 -15.22
CA LEU C 158 39.75 -15.00 -41.51
CA LEU C 158 -14.71 -19.18 -14.13
C LEU C 158 38.87 -14.75 -40.28
C LEU C 158 -15.60 -18.96 -12.91
N ARG C 159 38.41 -15.86 -39.66
N ARG C 159 -16.05 -20.07 -12.30
CA ARG C 159 37.62 -15.78 -38.45
CA ARG C 159 -16.85 -20.01 -11.09
C ARG C 159 38.62 -15.91 -37.30
C ARG C 159 -15.85 -20.15 -9.94
N LYS C 160 38.37 -15.20 -36.20
N LYS C 160 -16.09 -19.46 -8.83
CA LYS C 160 39.28 -15.18 -35.07
CA LYS C 160 -15.19 -19.46 -7.70
C LYS C 160 39.94 -16.48 -34.61
C LYS C 160 -14.53 -20.77 -7.26
N ARG C 161 39.56 -17.61 -35.21
N ARG C 161 -14.91 -21.88 -7.88
CA ARG C 161 40.21 -18.86 -34.87
CA ARG C 161 -14.26 -23.15 -7.55
C ARG C 161 41.51 -18.81 -35.67
C ARG C 161 -12.97 -23.10 -8.36
N GLU C 162 41.42 -18.17 -36.83
N GLU C 162 -13.04 -22.42 -9.51
CA GLU C 162 42.52 -18.05 -37.79
CA GLU C 162 -11.95 -22.31 -10.46
C GLU C 162 43.52 -16.91 -37.70
C GLU C 162 -10.94 -21.17 -10.36
N TYR C 163 43.35 -15.95 -36.79
N TYR C 163 -11.11 -20.22 -9.44
CA TYR C 163 44.31 -14.85 -36.70
CA TYR C 163 -10.15 -19.12 -9.33
C TYR C 163 44.37 -14.25 -35.31
C TYR C 163 -10.09 -18.54 -7.93
N CYS C 164 45.39 -13.42 -35.07
N CYS C 164 -9.07 -17.72 -7.69
CA CYS C 164 45.55 -12.73 -33.79
CA CYS C 164 -8.90 -17.05 -6.39
C CYS C 164 46.59 -11.62 -33.91
C CYS C 164 -7.85 -15.93 -6.50
N LEU C 165 46.32 -10.49 -33.27
N LEU C 165 -8.13 -14.81 -5.84
CA LEU C 165 47.24 -9.36 -33.31
CA LEU C 165 -7.21 -13.69 -5.86
C LEU C 165 48.15 -9.46 -32.11
C LEU C 165 -6.28 -13.81 -4.67
N GLN C 166 49.25 -8.72 -32.15
N GLN C 166 -5.19 -13.06 -4.69
CA GLN C 166 50.21 -8.73 -31.06
CA GLN C 166 -4.23 -13.11 -3.60
C GLN C 166 51.25 -7.66 -31.27
C GLN C 166 -3.19 -12.03 -3.80
N HIS C 167 51.86 -7.22 -30.18
N HIS C 167 -2.57 -11.60 -2.71
CA HIS C 167 52.89 -6.21 -30.30
CA HIS C 167 -1.53 -10.59 -2.80
C HIS C 167 54.10 -6.85 -30.96
C HIS C 167 -0.33 -11.23 -3.48
N LEU C 168 54.58 -6.24 -32.05
N LEU C 168 0.14 -10.61 -4.56
CA LEU C 168 55.72 -6.79 -32.76
CA LEU C 168 1.28 -11.15 -5.28
C LEU C 168 56.77 -5.75 -33.12
C LEU C 168 2.33 -10.10 -5.63
N THR C 169 58.03 -6.09 -32.83
N THR C 169 3.59 -10.45 -5.36
CA THR C 169 59.16 -5.21 -33.11
CA THR C 169 4.73 -9.58 -5.61
C THR C 169 59.48 -5.14 -34.60
C THR C 169 5.05 -9.48 -7.10
N PHE C 170 59.45 -3.94 -35.16
N PHE C 170 5.02 -8.28 -7.64
CA PHE C 170 59.75 -3.80 -36.59
CA PHE C 170 5.32 -8.10 -9.07
C PHE C 170 61.12 -3.16 -36.78
C PHE C 170 6.69 -7.48 -9.26
N ALA C 171 61.44 -2.80 -38.03
N ALA C 171 7.01 -7.10 -10.50
CA ALA C 171 62.74 -2.20 -38.32
CA ALA C 171 8.29 -6.49 -10.78
C ALA C 171 62.62 -1.01 -39.27
C ALA C 171 8.18 -5.29 -11.72
N ASP C 172 62.76 0.20 -38.73
N ASP C 172 8.34 -4.09 -11.15
CA ASP C 172 62.70 1.42 -39.54
CA ASP C 172 8.28 -2.86 -11.94
C ASP C 172 64.07 1.59 -40.19
C ASP C 172 9.65 -2.68 -12.59
N GLY C 173 64.45 0.61 -41.00
N GLY C 173 10.02 -3.65 -13.42
CA GLY C 173 65.73 0.65 -41.67
CA GLY C 173 11.31 -3.60 -14.09
C GLY C 173 66.86 0.45 -40.67
C GLY C 173 12.43 -3.82 -13.10
N ASN C 174 67.38 1.56 -40.15
N ASN C 174 12.95 -2.71 -12.57
CA ASN C 174 68.47 1.55 -39.19
CA ASN C 174 14.04 -2.74 -11.60
C ASN C 174 67.98 1.77 -37.76
C ASN C 174 13.56 -2.54 -10.16
N ALA C 175 66.66 1.70 -37.55
N ALA C 175 12.24 -2.61 -9.95
CA ALA C 175 66.10 1.91 -36.21
CA ALA C 175 11.69 -2.42 -8.62
C ALA C 175 65.31 0.72 -35.68
C ALA C 175 10.89 -3.61 -8.10
N THR C 176 64.31 1.01 -34.87
N THR C 176 9.89 -3.35 -7.27
CA THR C 176 63.47 -0.05 -34.30
CA THR C 176 9.04 -4.40 -6.73
C THR C 176 62.20 0.51 -33.65
C THR C 176 7.78 -3.85 -6.07
N SER C 177 61.05 0.12 -34.18
N SER C 177 6.62 -4.23 -6.61
CA SER C 177 59.76 0.57 -33.65
CA SER C 177 5.34 -3.78 -6.06
C SER C 177 58.77 -0.58 -33.48
C SER C 177 4.35 -4.94 -5.91
N ILE C 178 57.92 -0.49 -32.46
N ILE C 178 3.50 -4.85 -4.89
CA ILE C 178 56.92 -1.51 -32.20
CA ILE C 178 2.50 -5.88 -4.65
C ILE C 178 55.52 -1.04 -32.54
C ILE C 178 1.09 -5.41 -4.97
N ARG C 179 54.82 -1.84 -33.34
N ARG C 179 0.40 -6.20 -5.79
CA ARG C 179 53.46 -1.55 -33.76
CA ARG C 179 -0.97 -5.89 -6.19
C ARG C 179 52.70 -2.87 -33.77
C ARG C 179 -1.72 -7.21 -6.23
N ILE C 180 51.42 -2.85 -33.41
N ILE C 180 -3.01 -7.19 -5.87
CA ILE C 180 50.65 -4.10 -33.41
CA ILE C 180 -3.78 -8.44 -5.89
C ILE C 180 50.49 -4.64 -34.83
C ILE C 180 -3.95 -8.96 -7.31
N ALA C 181 50.94 -5.86 -35.05
N ALA C 181 -3.50 -10.17 -7.55
CA ALA C 181 50.84 -6.47 -36.36
CA ALA C 181 -3.60 -10.75 -8.88
C ALA C 181 50.02 -7.75 -36.34
C ALA C 181 -4.42 -12.04 -8.87
N PRO C 182 49.26 -8.00 -37.42
N PRO C 182 -5.19 -12.27 -9.96
CA PRO C 182 48.48 -9.23 -37.40
CA PRO C 182 -5.96 -13.51 -9.96
C PRO C 182 49.40 -10.43 -37.67
C PRO C 182 -5.04 -14.68 -10.24
N HIS C 183 48.92 -11.62 -37.40
N HIS C 183 -5.54 -15.89 -9.99
CA HIS C 183 49.68 -12.83 -37.62
CA HIS C 183 -4.78 -17.10 -10.23
C HIS C 183 48.72 -13.85 -38.23
C HIS C 183 -5.74 -18.11 -10.86
N ASN C 184 49.06 -14.35 -39.42
N ASN C 184 -5.40 -18.59 -12.04
CA ASN C 184 48.22 -15.31 -40.11
CA ASN C 184 -6.24 -19.54 -12.75
C ASN C 184 48.88 -16.67 -40.20
C ASN C 184 -5.58 -20.90 -12.86
N CYS C 185 48.09 -17.69 -40.50
N CYS C 185 -6.39 -21.91 -13.18
CA CYS C 185 48.61 -19.04 -40.66
CA CYS C 185 -5.87 -23.27 -13.35
C CYS C 185 48.93 -19.29 -42.11
C CYS C 185 -5.55 -23.50 -14.81
N LEU C 186 50.16 -19.70 -42.38
N LEU C 186 -4.32 -23.90 -15.09
CA LEU C 186 50.53 -19.98 -43.75
CA LEU C 186 -3.95 -24.15 -16.47
C LEU C 186 49.99 -21.35 -44.12
C LEU C 186 -4.48 -25.51 -16.86
N ILE C 187 49.37 -22.02 -43.18
N ILE C 187 -5.12 -26.21 -15.92
CA ILE C 187 48.82 -23.33 -43.47
CA ILE C 187 -5.67 -27.51 -16.23
C ILE C 187 47.41 -23.57 -42.91
C ILE C 187 -7.08 -27.75 -15.68
N VAL C 188 47.28 -23.84 -41.61
N VAL C 188 -7.21 -28.05 -14.38
CA VAL C 188 45.94 -24.07 -41.04
CA VAL C 188 -8.54 -28.29 -13.81
C VAL C 188 44.98 -22.98 -41.47
C VAL C 188 -9.51 -27.18 -14.23
N ASP D 1 13.11 -19.35 -32.74
N ASP D 1 -41.42 -23.72 -5.31
CA ASP D 1 14.22 -18.96 -33.68
CA ASP D 1 -40.33 -23.33 -6.25
C ASP D 1 15.49 -18.55 -32.94
C ASP D 1 -39.05 -22.95 -5.51
N ILE D 2 15.47 -17.36 -32.35
N ILE D 2 -39.05 -21.77 -4.90
CA ILE D 2 16.61 -16.85 -31.61
CA ILE D 2 -37.89 -21.29 -4.15
C ILE D 2 17.22 -17.91 -30.67
C ILE D 2 -37.31 -22.38 -3.22
N LEU D 3 18.54 -17.97 -30.63
N LEU D 3 -35.98 -22.45 -3.20
CA LEU D 3 19.29 -18.92 -29.81
CA LEU D 3 -35.24 -23.43 -2.40
C LEU D 3 18.79 -19.10 -28.39
C LEU D 3 -35.75 -23.62 -0.97
N GLU D 4 18.74 -20.34 -27.95
N GLU D 4 -35.81 -24.88 -0.55
CA GLU D 4 18.29 -20.71 -26.61
CA GLU D 4 -36.26 -25.26 0.78
C GLU D 4 17.41 -19.70 -25.89
C GLU D 4 -37.13 -24.24 1.52
N CYS D 5 16.54 -19.04 -26.63
N CYS D 5 -38.00 -23.56 0.79
CA CYS D 5 15.63 -18.07 -26.04
CA CYS D 5 -38.89 -22.59 1.41
C CYS D 5 14.23 -18.64 -26.19
C CYS D 5 -40.29 -23.13 1.24
N ASP D 6 13.48 -18.67 -25.09
N ASP D 6 -41.04 -23.18 2.34
CA ASP D 6 12.10 -19.18 -25.11
CA ASP D 6 -42.43 -23.67 2.32
C ASP D 6 11.28 -18.12 -25.82
C ASP D 6 -43.24 -22.59 1.63
N TYR D 7 10.24 -18.54 -26.55
N TYR D 7 -44.28 -22.97 0.90
CA TYR D 7 9.44 -17.56 -27.26
CA TYR D 7 -45.07 -21.97 0.20
C TYR D 7 8.91 -16.43 -26.37
C TYR D 7 -45.58 -20.86 1.11
N PHE D 8 7.95 -16.77 -25.53
N PHE D 8 -46.55 -21.20 1.94
CA PHE D 8 7.29 -15.81 -24.64
CA PHE D 8 -47.19 -20.24 2.85
C PHE D 8 8.22 -14.79 -23.95
C PHE D 8 -46.25 -19.24 3.55
N ASP D 9 9.51 -14.94 -24.16
N ASP D 9 -44.96 -19.40 3.35
CA ASP D 9 10.48 -14.01 -23.59
CA ASP D 9 -43.98 -18.49 3.93
C ASP D 9 11.04 -13.15 -24.70
C ASP D 9 -43.41 -17.63 2.82
N THR D 10 10.20 -12.87 -25.70
N THR D 10 -44.24 -17.32 1.84
CA THR D 10 10.61 -12.05 -26.84
CA THR D 10 -43.82 -16.50 0.72
C THR D 10 9.62 -10.94 -27.06
C THR D 10 -44.80 -15.37 0.50
N VAL D 11 9.95 -10.03 -27.97
N VAL D 11 -44.46 -14.43 -0.38
CA VAL D 11 9.08 -8.89 -28.26
CA VAL D 11 -45.31 -13.29 -0.64
C VAL D 11 9.21 -8.45 -29.71
C VAL D 11 -45.17 -12.82 -2.10
N ASP D 12 8.17 -7.82 -30.23
N ASP D 12 -46.22 -12.16 -2.61
CA ASP D 12 8.17 -7.32 -31.61
CA ASP D 12 -46.21 -11.65 -3.97
C ASP D 12 9.02 -6.05 -31.65
C ASP D 12 -45.34 -10.39 -4.00
N ILE D 13 10.26 -6.16 -32.11
N ILE D 13 -44.10 -10.51 -4.46
CA ILE D 13 11.13 -4.98 -32.16
CA ILE D 13 -43.21 -9.34 -4.49
C ILE D 13 11.27 -4.37 -33.56
C ILE D 13 -43.07 -8.70 -5.88
N SER D 14 10.39 -4.78 -34.47
N SER D 14 -43.96 -9.09 -6.80
CA SER D 14 10.43 -4.26 -35.82
CA SER D 14 -43.92 -8.56 -8.15
C SER D 14 10.28 -2.75 -35.81
C SER D 14 -44.04 -7.04 -8.11
N ALA D 15 10.18 -2.19 -34.62
N ALA D 15 -44.13 -6.49 -6.91
CA ALA D 15 10.03 -0.74 -34.47
CA ALA D 15 -44.27 -5.05 -6.73
C ALA D 15 11.22 -0.10 -33.76
C ALA D 15 -43.07 -4.44 -6.02
N ALA D 16 12.15 -0.94 -33.31
N ALA D 16 -42.15 -5.30 -5.58
CA ALA D 16 13.34 -0.46 -32.62
CA ALA D 16 -40.96 -4.84 -4.88
C ALA D 16 14.36 0.06 -33.63
C ALA D 16 -39.92 -4.32 -5.89
N GLN D 17 15.25 0.93 -33.18
N GLN D 17 -39.03 -3.47 -5.42
CA GLN D 17 16.28 1.49 -34.04
CA GLN D 17 -37.98 -2.91 -6.27
C GLN D 17 17.37 0.45 -34.27
C GLN D 17 -36.91 -3.96 -6.52
N LYS D 18 17.86 0.38 -35.51
N LYS D 18 -36.42 -4.02 -7.76
CA LYS D 18 18.90 -0.57 -35.88
CA LYS D 18 -35.40 -4.98 -8.16
C LYS D 18 20.27 0.09 -35.89
C LYS D 18 -34.01 -4.34 -8.17
N LEU D 19 21.11 -0.23 -34.92
N LEU D 19 -33.18 -4.68 -7.19
CA LEU D 19 22.44 0.35 -34.81
CA LEU D 19 -31.84 -4.12 -7.08
C LEU D 19 23.43 -0.11 -35.88
C LEU D 19 -30.87 -4.57 -8.16
N GLN D 20 24.62 0.48 -35.80
N GLN D 20 -29.66 -4.01 -8.07
CA GLN D 20 25.73 0.22 -36.72
CA GLN D 20 -28.57 -4.26 -9.00
C GLN D 20 26.39 -1.14 -36.49
C GLN D 20 -27.92 -5.63 -8.78
N ASN D 21 26.80 -1.39 -35.24
N ASN D 21 -27.51 -5.91 -7.54
CA ASN D 21 27.45 -2.66 -34.90
CA ASN D 21 -26.87 -7.18 -7.23
C ASN D 21 26.49 -3.84 -34.97
C ASN D 21 -27.85 -8.37 -7.32
N GLY D 22 25.44 -3.69 -35.77
N GLY D 22 -28.89 -8.20 -8.11
CA GLY D 22 24.48 -4.78 -35.93
CA GLY D 22 -29.88 -9.25 -8.29
C GLY D 22 23.37 -4.84 -34.89
C GLY D 22 -30.99 -9.32 -7.25
N SER D 23 23.71 -4.57 -33.64
N SER D 23 -30.64 -9.07 -5.98
CA SER D 23 22.73 -4.60 -32.55
CA SER D 23 -31.61 -9.12 -4.90
C SER D 23 21.63 -3.58 -32.74
C SER D 23 -32.71 -8.07 -5.06
N TYR D 24 20.60 -3.66 -31.89
N TYR D 24 -33.73 -8.15 -4.22
CA TYR D 24 19.47 -2.75 -31.97
CA TYR D 24 -34.84 -7.23 -4.29
C TYR D 24 19.32 -1.85 -30.76
C TYR D 24 -34.99 -6.34 -3.05
N LEU D 25 18.55 -0.78 -30.96
N LEU D 25 -35.74 -5.26 -3.24
CA LEU D 25 18.23 0.15 -29.89
CA LEU D 25 -36.04 -4.34 -2.15
C LEU D 25 16.72 0.07 -29.84
C LEU D 25 -37.56 -4.40 -2.11
N PHE D 26 16.17 -0.15 -28.65
N PHE D 26 -38.11 -4.64 -0.92
CA PHE D 26 14.74 -0.32 -28.48
CA PHE D 26 -39.54 -4.79 -0.75
C PHE D 26 14.22 0.27 -27.18
C PHE D 26 -40.05 -4.21 0.57
N GLU D 27 13.44 1.35 -27.28
N GLU D 27 -40.82 -3.12 0.48
CA GLU D 27 12.89 2.00 -26.10
CA GLU D 27 -41.35 -2.48 1.68
C GLU D 27 14.01 2.27 -25.10
C GLU D 27 -40.24 -2.25 2.68
N GLY D 28 15.11 2.83 -25.57
N GLY D 28 -39.12 -1.70 2.22
CA GLY D 28 16.22 3.11 -24.67
CA GLY D 28 -38.01 -1.45 3.11
C GLY D 28 17.01 1.86 -24.32
C GLY D 28 -37.24 -2.71 3.44
N LEU D 29 16.36 0.70 -24.45
N LEU D 29 -37.91 -3.86 3.29
CA LEU D 29 17.01 -0.58 -24.18
CA LEU D 29 -37.27 -5.14 3.55
C LEU D 29 17.87 -0.98 -25.37
C LEU D 29 -36.42 -5.55 2.35
N LEU D 30 19.04 -1.52 -25.09
N LEU D 30 -35.25 -6.11 2.62
CA LEU D 30 19.95 -1.96 -26.16
CA LEU D 30 -34.35 -6.54 1.54
C LEU D 30 19.90 -3.47 -26.29
C LEU D 30 -34.42 -8.04 1.38
N VAL D 31 19.26 -3.94 -27.35
N VAL D 31 -35.07 -8.49 0.31
CA VAL D 31 19.14 -5.37 -27.57
CA VAL D 31 -35.21 -9.91 0.07
C VAL D 31 20.33 -5.85 -28.37
C VAL D 31 -34.02 -10.40 -0.74
N PRO D 32 21.25 -6.59 -27.72
N PRO D 32 -33.11 -11.16 -0.10
CA PRO D 32 22.43 -7.09 -28.42
CA PRO D 32 -31.94 -11.66 -0.81
C PRO D 32 21.96 -7.72 -29.72
C PRO D 32 -32.43 -12.26 -2.12
N ALA D 33 22.74 -7.61 -30.79
N ALA D 33 -31.64 -12.15 -3.18
CA ALA D 33 22.34 -8.18 -32.08
CA ALA D 33 -32.06 -12.69 -4.48
C ALA D 33 22.17 -9.70 -32.00
C ALA D 33 -32.24 -14.21 -4.43
N ILE D 34 23.05 -10.34 -31.25
N ILE D 34 -31.37 -14.88 -3.69
CA ILE D 34 23.02 -11.80 -31.10
CA ILE D 34 -31.41 -16.33 -3.57
C ILE D 34 21.74 -12.38 -30.51
C ILE D 34 -32.71 -16.90 -2.98
N LEU D 35 20.95 -11.56 -29.80
N LEU D 35 -33.48 -16.09 -2.26
CA LEU D 35 19.70 -12.01 -29.19
CA LEU D 35 -34.75 -16.54 -1.65
C LEU D 35 18.48 -11.72 -30.06
C LEU D 35 -35.96 -16.21 -2.52
N THR D 36 18.65 -10.95 -31.13
N THR D 36 -35.77 -15.42 -3.58
CA THR D 36 17.53 -10.64 -32.01
CA THR D 36 -36.89 -15.08 -4.45
C THR D 36 17.38 -11.78 -32.99
C THR D 36 -37.06 -16.21 -5.45
N GLY D 37 16.22 -11.81 -33.65
N GLY D 37 -38.22 -16.22 -6.11
CA GLY D 37 15.96 -12.86 -34.62
CA GLY D 37 -38.50 -17.24 -7.09
C GLY D 37 14.67 -12.64 -35.40
C GLY D 37 -39.79 -16.98 -7.86
N GLU D 38 14.67 -13.07 -36.64
N GLU D 38 -39.79 -17.40 -9.13
CA GLU D 38 13.53 -12.93 -37.52
CA GLU D 38 -40.93 -17.23 -9.99
C GLU D 38 12.54 -14.05 -37.21
C GLU D 38 -41.94 -18.34 -9.69
N TYR D 39 11.27 -13.82 -37.50
N TYR D 39 -43.20 -18.09 -9.99
CA TYR D 39 10.25 -14.82 -37.24
CA TYR D 39 -44.24 -19.08 -9.74
C TYR D 39 9.14 -14.74 -38.27
C TYR D 39 -45.35 -18.98 -10.76
N ASP D 40 8.73 -15.93 -38.71
N ASP D 40 -45.77 -20.15 -11.22
CA ASP D 40 7.66 -16.09 -39.68
CA ASP D 40 -46.85 -20.27 -12.19
C ASP D 40 6.50 -16.74 -38.95
C ASP D 40 -48.03 -20.91 -11.47
N PHE D 41 6.71 -17.05 -37.68
N PHE D 41 -47.80 -21.25 -10.20
CA PHE D 41 5.68 -17.70 -36.87
CA PHE D 41 -48.83 -21.90 -9.41
C PHE D 41 5.43 -17.02 -35.54
C PHE D 41 -49.08 -21.24 -8.06
N ARG D 42 4.35 -17.44 -34.90
N ARG D 42 -50.18 -21.65 -7.44
CA ARG D 42 3.94 -16.95 -33.59
CA ARG D 42 -50.57 -21.19 -6.11
C ARG D 42 3.17 -18.10 -32.97
C ARG D 42 -51.36 -22.33 -5.51
N ILE D 43 3.80 -18.74 -31.98
N ILE D 43 -50.73 -22.99 -4.53
CA ILE D 43 3.23 -19.88 -31.29
CA ILE D 43 -51.32 -24.14 -3.86
C ILE D 43 1.81 -19.66 -30.74
C ILE D 43 -52.73 -23.91 -3.31
N LEU D 44 1.03 -20.72 -30.72
N LEU D 44 -53.53 -24.97 -3.30
CA LEU D 44 -0.34 -20.67 -30.27
CA LEU D 44 -54.90 -24.90 -2.84
C LEU D 44 -0.58 -21.30 -28.90
C LEU D 44 -55.14 -25.55 -1.48
N PRO D 45 -1.79 -21.11 -28.34
N PRO D 45 -56.35 -25.35 -0.92
CA PRO D 45 -2.12 -21.67 -27.03
CA PRO D 45 -56.68 -25.93 0.39
C PRO D 45 -1.98 -23.19 -27.08
C PRO D 45 -56.57 -27.44 0.31
N ASP D 46 -2.47 -23.80 -28.15
N ASP D 46 -57.07 -28.03 -0.78
CA ASP D 46 -2.36 -25.24 -28.32
CA ASP D 46 -56.97 -29.48 -0.96
C ASP D 46 -0.87 -25.49 -28.55
C ASP D 46 -55.49 -29.74 -1.21
N ASP D 47 -0.17 -24.38 -28.78
N ASP D 47 -54.77 -28.64 -1.42
CA ASP D 47 1.27 -24.34 -28.98
CA ASP D 47 -53.34 -28.61 -1.61
C ASP D 47 1.86 -25.03 -30.18
C ASP D 47 -52.76 -29.30 -2.83
N SER D 48 1.66 -24.39 -31.33
N SER D 48 -52.96 -28.64 -3.97
CA SER D 48 2.13 -24.85 -32.62
CA SER D 48 -52.48 -29.08 -5.26
C SER D 48 2.83 -23.64 -33.23
C SER D 48 -51.77 -27.86 -5.86
N LYS D 49 3.06 -23.67 -34.53
N LYS D 49 -51.55 -27.88 -7.17
CA LYS D 49 3.70 -22.54 -35.20
CA LYS D 49 -50.89 -26.76 -7.81
C LYS D 49 2.80 -22.01 -36.28
C LYS D 49 -51.78 -26.18 -8.89
N GLN D 50 2.14 -20.88 -36.03
N GLN D 50 -52.43 -25.06 -8.62
CA GLN D 50 1.27 -20.31 -37.05
CA GLN D 50 -53.28 -24.45 -9.62
C GLN D 50 2.05 -19.26 -37.83
C GLN D 50 -52.49 -23.40 -10.38
N LYS D 51 1.88 -19.23 -39.15
N LYS D 51 -52.67 -23.35 -11.71
CA LYS D 51 2.57 -18.28 -40.02
CA LYS D 51 -51.96 -22.39 -12.56
C LYS D 51 2.33 -16.83 -39.61
C LYS D 51 -52.20 -20.95 -12.14
N VAL D 52 3.28 -15.96 -39.93
N VAL D 52 -51.23 -20.08 -12.42
CA VAL D 52 3.18 -14.53 -39.61
CA VAL D 52 -51.31 -18.67 -12.09
C VAL D 52 4.20 -13.76 -40.44
C VAL D 52 -50.28 -17.89 -12.90
N ALA D 53 3.96 -12.47 -40.62
N ALA D 53 -50.50 -16.59 -13.07
CA ALA D 53 4.87 -11.64 -41.38
CA ALA D 53 -49.57 -15.76 -13.82
C ALA D 53 6.30 -11.75 -40.86
C ALA D 53 -48.15 -15.90 -13.29
N ARG D 54 7.27 -11.65 -41.75
N ARG D 54 -47.17 -15.80 -14.19
CA ARG D 54 8.68 -11.74 -41.38
CA ARG D 54 -45.77 -15.91 -13.82
C ARG D 54 9.05 -10.59 -40.44
C ARG D 54 -45.38 -14.78 -12.86
N HIS D 55 8.69 -10.71 -39.17
N HIS D 55 -45.75 -14.91 -11.58
CA HIS D 55 9.01 -9.63 -38.22
CA HIS D 55 -45.41 -13.87 -10.63
C HIS D 55 10.14 -10.01 -37.27
C HIS D 55 -44.28 -14.27 -9.69
N ILE D 56 11.12 -9.10 -37.15
N ILE D 56 -43.30 -13.38 -9.55
CA ILE D 56 12.28 -9.29 -36.30
CA ILE D 56 -42.13 -13.60 -8.70
C ILE D 56 11.92 -9.12 -34.82
C ILE D 56 -42.50 -13.44 -7.22
N ARG D 57 12.24 -10.10 -33.99
N ARG D 57 -42.18 -14.45 -6.41
CA ARG D 57 11.89 -10.00 -32.58
CA ARG D 57 -42.52 -14.36 -5.00
C ARG D 57 13.09 -9.77 -31.67
C ARG D 57 -41.32 -14.16 -4.09
N GLY D 58 12.83 -9.60 -30.38
N GLY D 58 -41.58 -14.00 -2.80
CA GLY D 58 13.90 -9.37 -29.42
CA GLY D 58 -40.51 -13.81 -1.84
C GLY D 58 13.68 -10.03 -28.07
C GLY D 58 -40.72 -14.49 -0.50
N CYS D 59 14.61 -10.91 -27.73
N CYS D 59 -39.81 -15.39 -0.17
CA CYS D 59 14.58 -11.67 -26.49
CA CYS D 59 -39.85 -16.17 1.06
C CYS D 59 14.92 -10.77 -25.31
C CYS D 59 -39.49 -15.29 2.25
N VAL D 60 14.30 -9.59 -25.23
N VAL D 60 -40.10 -14.11 2.35
CA VAL D 60 14.60 -8.64 -24.16
CA VAL D 60 -39.79 -13.17 3.45
C VAL D 60 14.32 -9.05 -22.72
C VAL D 60 -40.07 -13.60 4.88
N CYS D 61 13.32 -9.90 -22.49
N CYS D 61 -41.08 -14.45 5.09
CA CYS D 61 13.00 -10.32 -21.13
CA CYS D 61 -41.40 -14.88 6.44
C CYS D 61 14.23 -10.78 -20.33
C CYS D 61 -40.18 -15.36 7.23
N LYS D 62 15.34 -11.01 -21.03
N LYS D 62 -39.06 -15.60 6.54
CA LYS D 62 16.58 -11.45 -20.38
CA LYS D 62 -37.84 -16.08 7.17
C LYS D 62 17.56 -10.30 -20.23
C LYS D 62 -36.84 -14.94 7.33
N LEU D 63 17.13 -9.09 -20.57
N LEU D 63 -37.26 -13.72 7.01
CA LEU D 63 17.99 -7.91 -20.47
CA LEU D 63 -36.37 -12.55 7.15
C LEU D 63 17.32 -6.84 -19.58
C LEU D 63 -37.03 -11.49 8.04
N LYS D 64 16.09 -7.12 -19.20
N LYS D 64 -38.27 -11.76 8.42
CA LYS D 64 15.26 -6.25 -18.37
CA LYS D 64 -39.09 -10.89 9.27
C LYS D 64 13.98 -7.02 -18.06
C LYS D 64 -40.37 -11.65 9.55
N PRO D 65 13.59 -7.09 -16.79
N PRO D 65 -40.76 -11.74 10.84
CA PRO D 65 12.39 -7.80 -16.31
CA PRO D 65 -41.97 -12.44 11.30
C PRO D 65 11.13 -7.58 -17.15
C PRO D 65 -43.22 -12.18 10.47
N CYS D 66 10.33 -8.63 -17.28
N CYS D 66 -44.04 -13.22 10.32
CA CYS D 66 9.10 -8.56 -18.06
CA CYS D 66 -45.27 -13.13 9.54
C CYS D 66 7.86 -8.77 -17.21
C CYS D 66 -46.52 -13.33 10.40
N VAL D 67 6.70 -8.59 -17.83
N VAL D 67 -47.68 -13.13 9.78
CA VAL D 67 5.41 -8.78 -17.16
CA VAL D 67 -48.97 -13.30 10.46
C VAL D 67 4.42 -9.40 -18.14
C VAL D 67 -49.96 -13.89 9.47
N ARG D 68 4.32 -10.71 -18.12
N ARG D 68 -50.08 -15.22 9.46
CA ARG D 68 3.40 -11.41 -19.01
CA ARG D 68 -51.02 -15.88 8.56
C ARG D 68 1.99 -10.84 -18.96
C ARG D 68 -52.42 -15.29 8.63
N PHE D 69 1.59 -10.15 -20.02
N PHE D 69 -52.82 -14.57 7.57
CA PHE D 69 0.26 -9.52 -20.12
CA PHE D 69 -54.12 -13.93 7.49
C PHE D 69 -0.62 -10.24 -21.12
C PHE D 69 -55.02 -14.62 6.48
N CYS D 70 -1.93 -10.27 -20.88
N CYS D 70 -56.34 -14.64 6.72
CA CYS D 70 -2.85 -10.95 -21.81
CA CYS D 70 -57.26 -15.29 5.77
C CYS D 70 -3.23 -10.03 -22.96
C CYS D 70 -57.63 -14.34 4.64
N CYS D 71 -3.45 -8.75 -22.66
N CYS D 71 -57.82 -13.07 4.96
CA CYS D 71 -3.80 -7.77 -23.68
CA CYS D 71 -58.17 -12.07 3.96
C CYS D 71 -2.86 -6.57 -23.50
C CYS D 71 -57.21 -10.89 4.15
N PRO D 72 -3.00 -5.52 -24.32
N PRO D 72 -57.34 -9.81 3.35
CA PRO D 72 -2.13 -4.35 -24.19
CA PRO D 72 -56.45 -8.65 3.50
C PRO D 72 -2.10 -3.75 -22.78
C PRO D 72 -56.41 -8.08 4.92
N HIS D 73 -1.67 -2.49 -22.66
N HIS D 73 -55.97 -6.83 5.06
CA HIS D 73 -1.55 -1.85 -21.35
CA HIS D 73 -55.85 -6.21 6.38
C HIS D 73 -2.73 -0.99 -20.89
C HIS D 73 -57.01 -5.34 6.86
N ASP D 74 -3.62 -0.61 -21.81
N ASP D 74 -57.88 -4.94 5.94
CA ASP D 74 -4.78 0.22 -21.47
CA ASP D 74 -59.04 -4.10 6.29
C ASP D 74 -6.04 -0.63 -21.43
C ASP D 74 -60.32 -4.94 6.34
N HIS D 75 -5.89 -1.90 -21.81
N HIS D 75 -60.17 -6.20 5.93
CA HIS D 75 -6.97 -2.88 -21.85
CA HIS D 75 -61.28 -7.16 5.87
C HIS D 75 -7.36 -3.46 -20.51
C HIS D 75 -61.66 -7.77 7.22
N ILE D 76 -8.66 -3.57 -20.25
N ILE D 76 -62.97 -7.87 7.47
CA ILE D 76 -9.10 -4.15 -18.99
CA ILE D 76 -63.43 -8.46 8.71
C ILE D 76 -9.74 -5.51 -19.23
C ILE D 76 -64.08 -9.80 8.46
N MET D 77 -9.23 -6.51 -18.53
N MET D 77 -63.58 -10.81 9.14
CA MET D 77 -9.78 -7.84 -18.68
CA MET D 77 -64.14 -12.14 8.97
C MET D 77 -11.21 -7.84 -18.18
C MET D 77 -65.58 -12.13 9.46
N ASP D 78 -12.06 -8.58 -18.90
N ASP D 78 -66.43 -12.84 8.74
CA ASP D 78 -13.47 -8.69 -18.57
CA ASP D 78 -67.85 -12.94 9.07
C ASP D 78 -13.91 -10.11 -18.85
C ASP D 78 -68.31 -14.35 8.77
N ASN D 79 -13.85 -10.97 -17.84
N ASN D 79 -68.25 -15.22 9.76
CA ASN D 79 -14.26 -12.35 -17.99
CA ASN D 79 -68.69 -16.59 9.59
C ASN D 79 -13.40 -13.03 -19.04
C ASN D 79 -67.84 -17.28 8.52
N GLY D 80 -12.09 -12.87 -18.92
N GLY D 80 -66.52 -17.12 8.65
CA GLY D 80 -11.15 -13.47 -19.84
CA GLY D 80 -65.58 -17.73 7.72
C GLY D 80 -11.15 -12.91 -21.26
C GLY D 80 -65.59 -17.15 6.31
N VAL D 81 -11.94 -11.87 -21.48
N VAL D 81 -66.36 -16.09 6.11
CA VAL D 81 -12.04 -11.24 -22.79
CA VAL D 81 -66.46 -15.44 4.81
C VAL D 81 -11.34 -9.89 -22.79
C VAL D 81 -65.74 -14.10 4.82
N CYS D 82 -10.40 -9.71 -23.72
N CYS D 82 -64.79 -13.92 3.90
CA CYS D 82 -9.69 -8.44 -23.83
CA CYS D 82 -64.06 -12.66 3.82
C CYS D 82 -10.67 -7.32 -24.15
C CYS D 82 -65.04 -11.52 3.51
N TYR D 83 -10.73 -6.33 -23.28
N TYR D 83 -65.08 -10.54 4.40
CA TYR D 83 -11.64 -5.21 -23.48
CA TYR D 83 -65.97 -9.41 4.22
C TYR D 83 -10.85 -3.90 -23.49
C TYR D 83 -65.16 -8.10 4.22
N ASP D 84 -11.16 -3.04 -24.46
N ASP D 84 -65.46 -7.23 3.26
CA ASP D 84 -10.49 -1.74 -24.62
CA ASP D 84 -64.78 -5.94 3.14
C ASP D 84 -11.49 -0.60 -24.50
C ASP D 84 -65.76 -4.78 3.27
N ASN D 85 -12.08 -0.45 -23.32
N ASN D 85 -66.35 -4.64 4.45
CA ASN D 85 -13.06 0.60 -23.09
CA ASN D 85 -67.31 -3.58 4.71
C ASN D 85 -12.84 1.22 -21.72
C ASN D 85 -67.08 -2.99 6.08
N MET D 86 -11.57 1.39 -21.34
N MET D 86 -65.82 -2.84 6.47
CA MET D 86 -11.26 1.99 -20.04
CA MET D 86 -65.50 -2.27 7.77
C MET D 86 -11.34 3.51 -20.14
C MET D 86 -65.56 -0.75 7.70
N SER D 87 -12.29 4.10 -19.42
N SER D 87 -66.50 -0.17 8.43
CA SER D 87 -12.51 5.53 -19.42
CA SER D 87 -66.69 1.29 8.46
C SER D 87 -11.40 6.27 -18.67
C SER D 87 -65.57 1.99 9.21
N ASP D 88 -11.31 7.57 -18.90
N ASP D 88 -65.48 3.30 9.00
CA ASP D 88 -10.32 8.42 -18.27
CA ASP D 88 -64.46 4.12 9.65
C ASP D 88 -10.38 8.28 -16.75
C ASP D 88 -64.52 3.95 11.17
N GLU D 89 -11.56 7.92 -16.24
N GLU D 89 -65.70 3.60 11.67
CA GLU D 89 -11.76 7.75 -14.80
CA GLU D 89 -65.91 3.40 13.11
C GLU D 89 -11.12 6.46 -14.28
C GLU D 89 -65.28 2.11 13.62
N GLU D 90 -11.47 5.34 -14.89
N GLU D 90 -65.66 1.00 12.98
CA GLU D 90 -10.95 4.04 -14.50
CA GLU D 90 -65.15 -0.32 13.35
C GLU D 90 -9.42 4.01 -14.52
C GLU D 90 -63.63 -0.36 13.32
N LEU D 91 -8.84 4.51 -15.61
N LEU D 91 -63.04 0.16 12.24
CA LEU D 91 -7.39 4.56 -15.75
CA LEU D 91 -61.58 0.18 12.09
C LEU D 91 -6.78 5.39 -14.63
C LEU D 91 -60.96 0.98 13.23
N ALA D 92 -7.53 6.39 -14.18
N ALA D 92 -61.69 1.98 13.70
CA ALA D 92 -7.07 7.26 -13.10
CA ALA D 92 -61.22 2.82 14.80
C ALA D 92 -7.34 6.62 -11.74
C ALA D 92 -61.50 2.16 16.14
N GLU D 93 -7.82 5.38 -11.76
N GLU D 93 -61.99 0.94 16.10
CA GLU D 93 -8.13 4.67 -10.53
CA GLU D 93 -62.31 0.21 17.33
C GLU D 93 -7.58 3.24 -10.53
C GLU D 93 -61.79 -1.23 17.30
N LEU D 94 -6.52 2.96 -11.28
N LEU D 94 -60.73 -1.50 16.54
CA LEU D 94 -6.03 1.58 -11.34
CA LEU D 94 -60.25 -2.89 16.47
C LEU D 94 -4.64 1.25 -10.79
C LEU D 94 -58.88 -3.24 17.00
N ASP D 95 -4.63 0.67 -9.59
N ASP D 95 -58.87 -3.84 18.19
CA ASP D 95 -3.40 0.27 -8.93
CA ASP D 95 -57.63 -4.28 18.85
C ASP D 95 -2.47 -0.30 -9.98
C ASP D 95 -56.72 -4.84 17.77
N PRO D 96 -1.47 0.48 -10.40
N PRO D 96 -55.71 -4.07 17.37
CA PRO D 96 -0.53 0.02 -11.42
CA PRO D 96 -54.77 -4.52 16.34
C PRO D 96 0.63 -0.82 -10.89
C PRO D 96 -53.63 -5.38 16.86
N PHE D 97 0.67 -1.06 -9.59
N PHE D 97 -53.60 -5.65 18.16
CA PHE D 97 1.75 -1.83 -8.98
CA PHE D 97 -52.51 -6.44 18.75
C PHE D 97 1.47 -3.28 -8.60
C PHE D 97 -52.82 -7.90 19.10
N LEU D 98 2.35 -4.17 -9.03
N LEU D 98 -51.95 -8.80 18.65
CA LEU D 98 2.25 -5.60 -8.71
CA LEU D 98 -52.08 -10.22 18.95
C LEU D 98 3.34 -5.88 -7.70
C LEU D 98 -50.99 -10.53 19.96
N ASN D 99 3.18 -6.92 -6.90
N ASN D 99 -51.16 -11.58 20.74
CA ASN D 99 4.22 -7.23 -5.95
CA ASN D 99 -50.12 -11.93 21.69
C ASN D 99 5.03 -8.35 -6.59
C ASN D 99 -49.32 -13.04 21.03
N VAL D 100 6.33 -8.13 -6.78
N VAL D 100 -48.02 -12.84 20.83
CA VAL D 100 7.15 -9.18 -7.38
CA VAL D 100 -47.22 -13.88 20.22
C VAL D 100 8.31 -9.56 -6.45
C VAL D 100 -46.06 -14.29 21.14
N THR D 101 8.53 -10.85 -6.29
N THR D 101 -45.86 -15.60 21.27
CA THR D 101 9.58 -11.35 -5.42
CA THR D 101 -44.82 -16.13 22.14
C THR D 101 10.92 -11.45 -6.16
C THR D 101 -43.47 -16.23 21.40
N LEU D 102 11.88 -10.63 -5.74
N LEU D 102 -42.51 -15.43 21.83
CA LEU D 102 13.20 -10.63 -6.35
CA LEU D 102 -41.18 -15.43 21.21
C LEU D 102 13.98 -11.89 -6.01
C LEU D 102 -40.43 -16.72 21.53
N ASP D 103 15.16 -12.03 -6.61
N ASP D 103 -39.25 -16.86 20.93
CA ASP D 103 16.03 -13.19 -6.40
CA ASP D 103 -38.40 -18.03 21.12
C ASP D 103 16.35 -13.43 -4.93
C ASP D 103 -38.09 -18.31 22.58
N ASP D 104 16.57 -12.36 -4.19
N ASP D 104 -37.84 -17.25 23.33
CA ASP D 104 16.91 -12.44 -2.77
CA ASP D 104 -37.50 -17.37 24.76
C ASP D 104 15.75 -12.85 -1.86
C ASP D 104 -38.65 -17.77 25.67
N GLY D 105 14.60 -13.13 -2.43
N GLY D 105 -39.82 -18.02 25.09
CA GLY D 105 13.46 -13.56 -1.63
CA GLY D 105 -40.96 -18.45 25.88
C GLY D 105 12.58 -12.50 -0.99
C GLY D 105 -41.83 -17.40 26.55
N SER D 106 12.90 -11.23 -1.16
N SER D 106 -41.49 -16.12 26.39
CA SER D 106 12.09 -10.16 -0.58
CA SER D 106 -42.29 -15.05 27.00
C SER D 106 11.10 -9.63 -1.62
C SER D 106 -43.26 -14.49 25.96
N VAL D 107 10.09 -8.88 -1.17
N VAL D 107 -44.26 -13.74 26.42
CA VAL D 107 9.11 -8.33 -2.09
CA VAL D 107 -45.24 -13.16 25.52
C VAL D 107 9.23 -6.82 -2.30
C VAL D 107 -45.10 -11.64 25.34
N SER D 108 9.15 -6.41 -3.56
N SER D 108 -45.17 -11.21 24.07
CA SER D 108 9.25 -5.00 -3.93
CA SER D 108 -45.05 -9.80 23.73
C SER D 108 8.09 -4.57 -4.81
C SER D 108 -46.21 -9.34 22.87
N ARG D 109 7.58 -3.37 -4.57
N ARG D 109 -46.70 -8.13 23.13
CA ARG D 109 6.47 -2.82 -5.33
CA ARG D 109 -47.82 -7.55 22.37
C ARG D 109 6.98 -2.27 -6.67
C ARG D 109 -47.30 -7.00 21.05
N ARG D 110 6.41 -2.72 -7.78
N ARG D 110 -47.87 -7.42 19.93
CA ARG D 110 6.88 -2.27 -9.10
CA ARG D 110 -47.40 -6.95 18.62
C ARG D 110 5.79 -1.80 -10.06
C ARG D 110 -48.48 -6.45 17.66
N HIS D 111 5.98 -0.60 -10.61
N HIS D 111 -48.28 -5.24 17.13
CA HIS D 111 5.03 -0.04 -11.58
CA HIS D 111 -49.22 -4.66 16.18
C HIS D 111 4.87 -1.08 -12.68
C HIS D 111 -49.40 -5.67 15.06
N PHE D 112 3.64 -1.37 -13.07
N PHE D 112 -50.64 -5.96 14.66
CA PHE D 112 3.43 -2.39 -14.09
CA PHE D 112 -50.85 -6.94 13.62
C PHE D 112 4.04 -2.01 -15.44
C PHE D 112 -50.25 -6.55 12.28
N LYS D 113 3.98 -0.74 -15.79
N LYS D 113 -50.29 -5.27 11.95
CA LYS D 113 4.49 -0.31 -17.09
CA LYS D 113 -49.78 -4.83 10.66
C LYS D 113 5.79 0.49 -17.16
C LYS D 113 -48.46 -4.05 10.61
N ASN D 114 6.23 1.05 -16.03
N ASN D 114 -48.01 -3.51 11.74
CA ASN D 114 7.46 1.85 -16.01
CA ASN D 114 -46.77 -2.73 11.77
C ASN D 114 8.74 1.14 -15.57
C ASN D 114 -45.50 -3.47 12.19
N GLU D 115 8.67 0.40 -14.47
N GLU D 115 -45.58 -4.23 13.28
CA GLU D 115 9.81 -0.34 -13.98
CA GLU D 115 -44.45 -4.98 13.77
C GLU D 115 9.97 -1.68 -14.71
C GLU D 115 -44.31 -6.31 13.01
N LEU D 116 9.01 -1.99 -15.57
N LEU D 116 -45.28 -6.60 12.15
CA LEU D 116 9.05 -3.25 -16.30
CA LEU D 116 -45.25 -7.84 11.40
C LEU D 116 8.79 -3.08 -17.79
C LEU D 116 -45.51 -7.64 9.90
N ILE D 117 8.80 -4.20 -18.51
N ILE D 117 -45.51 -8.74 9.16
CA ILE D 117 8.57 -4.21 -19.95
CA ILE D 117 -45.76 -8.72 7.73
C ILE D 117 7.28 -4.98 -20.23
C ILE D 117 -47.05 -9.48 7.43
N VAL D 118 6.26 -4.26 -20.69
N VAL D 118 -48.06 -8.74 7.00
CA VAL D 118 4.95 -4.84 -20.97
CA VAL D 118 -49.38 -9.31 6.70
C VAL D 118 4.82 -5.64 -22.27
C VAL D 118 -49.52 -10.08 5.39
N GLN D 119 4.74 -6.97 -22.15
N GLN D 119 -49.62 -11.40 5.49
CA GLN D 119 4.60 -7.82 -23.32
CA GLN D 119 -49.78 -12.24 4.31
C GLN D 119 3.11 -8.06 -23.54
C GLN D 119 -51.27 -12.45 4.09
N TRP D 120 2.63 -7.72 -24.73
N TRP D 120 -51.74 -12.09 2.90
CA TRP D 120 1.22 -7.87 -25.05
CA TRP D 120 -53.17 -12.22 2.58
C TRP D 120 0.87 -8.71 -26.31
C TRP D 120 -53.52 -13.03 1.31
N ASP D 121 1.85 -8.99 -27.16
N ASP D 121 -52.54 -13.30 0.45
CA ASP D 121 1.59 -9.76 -28.37
CA ASP D 121 -52.81 -14.05 -0.78
C ASP D 121 1.62 -11.28 -28.20
C ASP D 121 -52.81 -15.58 -0.63
N LEU D 122 1.84 -11.73 -26.97
N LEU D 122 -52.59 -16.05 0.60
CA LEU D 122 1.89 -13.16 -26.66
CA LEU D 122 -52.56 -17.48 0.89
C LEU D 122 0.48 -13.78 -26.68
C LEU D 122 -53.97 -18.08 0.86
N PRO D 123 0.34 -14.96 -27.30
N PRO D 123 -54.13 -19.25 0.22
CA PRO D 123 -0.93 -15.67 -27.41
CA PRO D 123 -55.41 -19.95 0.09
C PRO D 123 -1.58 -16.04 -26.07
C PRO D 123 -56.06 -20.32 1.44
N MET D 124 -2.91 -15.96 -26.03
N MET D 124 -57.39 -20.23 1.48
CA MET D 124 -3.65 -16.26 -24.81
CA MET D 124 -58.13 -20.54 2.69
C MET D 124 -3.19 -17.61 -24.26
C MET D 124 -57.70 -21.90 3.21
N PRO D 125 -3.06 -17.74 -22.93
N PRO D 125 -57.57 -22.05 4.54
CA PRO D 125 -2.64 -19.01 -22.34
CA PRO D 125 -57.16 -23.34 5.11
C PRO D 125 -3.71 -20.10 -22.46
C PRO D 125 -58.24 -24.42 4.98
N CYS D 126 -4.92 -19.71 -22.86
N CYS D 126 -59.45 -24.01 4.60
CA CYS D 126 -6.06 -20.62 -23.03
CA CYS D 126 -60.60 -24.90 4.41
C CYS D 126 -7.36 -19.83 -23.14
C CYS D 126 -61.90 -24.08 4.31
N ASP D 127 -8.36 -20.38 -23.82
N ASP D 127 -62.90 -24.61 3.62
CA ASP D 127 -9.65 -19.73 -23.94
CA ASP D 127 -64.18 -23.94 3.51
C ASP D 127 -10.44 -20.03 -22.67
C ASP D 127 -64.98 -24.24 4.77
N GLY D 128 -11.16 -19.03 -22.17
N GLY D 128 -65.69 -23.26 5.30
CA GLY D 128 -11.91 -19.22 -20.94
CA GLY D 128 -66.44 -23.45 6.54
C GLY D 128 -10.96 -19.38 -19.76
C GLY D 128 -65.48 -23.64 7.70
N MET D 129 -10.37 -18.28 -19.30
N MET D 129 -64.88 -22.56 8.18
CA MET D 129 -9.42 -18.36 -18.19
CA MET D 129 -63.93 -22.66 9.28
C MET D 129 -9.99 -17.89 -16.86
C MET D 129 -64.49 -22.21 10.62
N PHE D 130 -9.54 -18.51 -15.78
N PHE D 130 -64.04 -22.86 11.70
CA PHE D 130 -10.01 -18.11 -14.47
CA PHE D 130 -64.51 -22.47 13.01
C PHE D 130 -9.03 -17.17 -13.80
C PHE D 130 -63.51 -21.56 13.69
N TYR D 131 -9.47 -15.94 -13.52
N TYR D 131 -63.93 -20.33 13.99
CA TYR D 131 -8.59 -14.98 -12.87
CA TYR D 131 -63.04 -19.39 14.66
C TYR D 131 -8.36 -15.38 -11.43
C TYR D 131 -62.81 -19.82 16.10
N LEU D 132 -7.52 -14.63 -10.70
N LEU D 132 -61.97 -19.09 16.83
CA LEU D 132 -7.25 -14.94 -9.30
CA LEU D 132 -61.69 -19.43 18.23
C LEU D 132 -7.47 -13.73 -8.42
C LEU D 132 -61.90 -18.22 19.12
N ASP D 133 -7.81 -13.96 -7.16
N ASP D 133 -62.24 -18.47 20.38
CA ASP D 133 -8.05 -12.87 -6.23
CA ASP D 133 -62.46 -17.39 21.34
C ASP D 133 -7.35 -13.18 -4.91
C ASP D 133 -61.77 -17.73 22.64
N ASN D 134 -6.06 -12.84 -4.85
N ASN D 134 -60.47 -17.42 22.71
CA ASN D 134 -5.24 -13.07 -3.67
CA ASN D 134 -59.66 -17.69 23.88
C ASN D 134 -5.88 -12.70 -2.34
C ASN D 134 -60.29 -17.31 25.22
N ARG D 135 -6.87 -11.81 -2.37
N ARG D 135 -61.27 -16.41 25.20
CA ARG D 135 -7.54 -11.40 -1.14
CA ARG D 135 -61.93 -16.02 26.44
C ARG D 135 -8.00 -12.68 -0.46
C ARG D 135 -62.40 -17.30 27.10
N GLU D 136 -8.23 -13.71 -1.28
N GLU D 136 -62.64 -18.31 26.27
CA GLU D 136 -8.65 -15.01 -0.80
CA GLU D 136 -63.08 -19.62 26.74
C GLU D 136 -7.43 -15.93 -0.68
C GLU D 136 -61.88 -20.56 26.83
N GLU D 137 -7.23 -16.50 0.51
N GLU D 137 -61.69 -21.15 28.01
CA GLU D 137 -6.11 -17.39 0.78
CA GLU D 137 -60.57 -22.06 28.27
C GLU D 137 -5.82 -18.42 -0.31
C GLU D 137 -60.30 -23.07 27.16
N GLN D 138 -6.87 -18.90 -0.96
N GLN D 138 -61.36 -23.53 26.50
CA GLN D 138 -6.72 -19.90 -2.01
CA GLN D 138 -61.22 -24.51 25.43
C GLN D 138 -6.09 -19.28 -3.26
C GLN D 138 -60.59 -23.88 24.20
N ASP D 139 -6.45 -18.04 -3.55
N ASP D 139 -60.94 -22.64 23.93
CA ASP D 139 -5.93 -17.37 -4.73
CA ASP D 139 -60.41 -21.95 22.76
C ASP D 139 -4.57 -16.71 -4.51
C ASP D 139 -59.04 -21.31 22.97
N LYS D 140 -3.89 -17.04 -3.43
N LYS D 140 -58.36 -21.67 24.06
CA LYS D 140 -2.58 -16.47 -3.13
CA LYS D 140 -57.04 -21.11 24.36
C LYS D 140 -1.53 -16.91 -4.16
C LYS D 140 -56.00 -21.56 23.33
N TYR D 141 -0.59 -16.04 -4.49
N TYR D 141 -55.05 -20.69 23.01
CA TYR D 141 0.44 -16.42 -5.46
CA TYR D 141 -54.03 -21.07 22.04
C TYR D 141 1.70 -15.59 -5.30
C TYR D 141 -52.74 -20.26 22.20
N THR D 142 2.74 -15.94 -6.07
N THR D 142 -51.73 -20.61 21.42
CA THR D 142 4.01 -15.24 -6.03
CA THR D 142 -50.44 -19.94 21.47
C THR D 142 4.50 -15.04 -7.46
C THR D 142 -49.96 -19.71 20.04
N LEU D 143 4.54 -13.80 -7.92
N LEU D 143 -49.89 -18.47 19.60
CA LEU D 143 5.01 -13.55 -9.27
CA LEU D 143 -49.42 -18.21 18.26
C LEU D 143 6.43 -13.00 -9.20
C LEU D 143 -48.00 -17.68 18.34
N PHE D 144 7.40 -13.78 -9.67
N PHE D 144 -47.04 -18.46 17.86
CA PHE D 144 8.80 -13.35 -9.64
CA PHE D 144 -45.63 -18.05 17.89
C PHE D 144 9.21 -12.42 -10.78
C PHE D 144 -45.22 -17.10 16.76
N GLU D 145 10.35 -11.77 -10.62
N GLU D 145 -44.06 -16.47 16.93
CA GLU D 145 10.85 -10.85 -11.63
CA GLU D 145 -43.55 -15.54 15.93
C GLU D 145 11.18 -11.59 -12.92
C GLU D 145 -43.23 -16.27 14.63
N ASN D 146 11.73 -12.80 -12.78
N ASN D 146 -42.70 -17.48 14.75
CA ASN D 146 12.07 -13.59 -13.94
CA ASN D 146 -42.37 -18.26 13.58
C ASN D 146 10.82 -14.10 -14.68
C ASN D 146 -43.62 -18.73 12.83
N GLY D 147 9.65 -13.87 -14.09
N GLY D 147 -44.79 -18.51 13.43
CA GLY D 147 8.41 -14.28 -14.74
CA GLY D 147 -46.04 -18.89 12.78
C GLY D 147 7.78 -15.61 -14.31
C GLY D 147 -46.68 -20.20 13.19
N THR D 148 8.46 -16.34 -13.42
N THR D 148 -46.01 -20.97 14.06
CA THR D 148 7.96 -17.62 -12.94
CA THR D 148 -46.53 -22.25 14.52
C THR D 148 6.77 -17.40 -12.05
C THR D 148 -47.72 -22.03 15.42
N PHE D 149 5.60 -17.77 -12.55
N PHE D 149 -48.89 -22.38 14.90
CA PHE D 149 4.36 -17.63 -11.79
CA PHE D 149 -50.12 -22.23 15.66
C PHE D 149 4.15 -18.85 -10.91
C PHE D 149 -50.36 -23.46 16.53
N PHE D 150 4.14 -18.62 -9.61
N PHE D 150 -50.36 -23.26 17.84
CA PHE D 150 3.94 -19.68 -8.63
CA PHE D 150 -50.57 -24.33 18.81
C PHE D 150 2.61 -19.47 -7.93
C PHE D 150 -51.90 -24.11 19.51
N ARG D 151 1.85 -20.54 -7.76
N ARG D 151 -52.67 -25.18 19.66
CA ARG D 151 0.54 -20.47 -7.13
CA ARG D 151 -53.98 -25.10 20.30
C ARG D 151 0.68 -21.16 -5.78
C ARG D 151 -53.84 -25.81 21.64
N HIS D 152 0.14 -20.57 -4.73
N HIS D 152 -54.38 -25.23 22.70
CA HIS D 152 0.27 -21.16 -3.40
CA HIS D 152 -54.25 -25.84 24.01
C HIS D 152 -0.73 -22.25 -3.12
C HIS D 152 -55.27 -26.92 24.28
N PHE D 153 -1.91 -22.18 -3.71
N PHE D 153 -56.45 -26.82 23.69
CA PHE D 153 -2.88 -23.20 -3.42
CA PHE D 153 -57.43 -27.84 23.97
C PHE D 153 -2.35 -24.60 -3.68
C PHE D 153 -56.92 -29.24 23.68
N ASP D 154 -1.99 -24.88 -4.92
N ASP D 154 -56.57 -29.51 22.43
CA ASP D 154 -1.51 -26.21 -5.30
CA ASP D 154 -56.10 -30.84 22.03
C ASP D 154 -0.02 -26.29 -5.66
C ASP D 154 -54.62 -30.94 21.67
N ARG D 155 0.79 -25.48 -5.00
N ARG D 155 -53.80 -30.14 22.34
CA ARG D 155 2.22 -25.43 -5.23
CA ARG D 155 -52.36 -30.10 22.12
C ARG D 155 2.57 -25.86 -6.64
C ARG D 155 -52.02 -30.52 20.69
N VAL D 156 2.07 -25.11 -7.62
N VAL D 156 -52.52 -29.75 19.73
CA VAL D 156 2.30 -25.40 -9.03
CA VAL D 156 -52.29 -30.01 18.30
C VAL D 156 2.97 -24.21 -9.71
C VAL D 156 -51.60 -28.83 17.65
N THR D 157 4.04 -24.47 -10.45
N THR D 157 -50.53 -29.09 16.91
CA THR D 157 4.74 -23.40 -11.15
CA THR D 157 -49.82 -28.02 16.23
C THR D 157 4.29 -23.27 -12.59
C THR D 157 -50.28 -27.85 14.77
N LEU D 158 4.10 -22.03 -13.02
N LEU D 158 -50.45 -26.61 14.36
CA LEU D 158 3.66 -21.79 -14.39
CA LEU D 158 -50.89 -26.34 13.01
C LEU D 158 4.69 -20.98 -15.17
C LEU D 158 -49.84 -25.53 12.24
N ARG D 159 4.97 -21.41 -16.40
N ARG D 159 -49.58 -25.94 11.00
CA ARG D 159 5.89 -20.70 -17.29
CA ARG D 159 -48.66 -25.23 10.12
C ARG D 159 5.00 -19.77 -18.13
C ARG D 159 -49.53 -24.28 9.30
N LYS D 160 5.50 -18.59 -18.44
N LYS D 160 -49.01 -23.10 9.01
CA LYS D 160 4.73 -17.59 -19.17
CA LYS D 160 -49.77 -22.08 8.29
C LYS D 160 3.86 -18.05 -20.35
C LYS D 160 -50.64 -22.49 7.11
N ARG D 161 3.93 -19.31 -20.73
N ARG D 161 -50.59 -23.76 6.70
CA ARG D 161 3.07 -19.80 -21.80
CA ARG D 161 -51.46 -24.22 5.63
C ARG D 161 1.75 -20.04 -21.10
C ARG D 161 -52.78 -24.45 6.33
N GLU D 162 1.84 -20.40 -19.81
N GLU D 162 -52.69 -24.84 7.61
CA GLU D 162 0.70 -20.76 -18.97
CA GLU D 162 -53.84 -25.19 8.45
C GLU D 162 -0.03 -19.68 -18.17
C GLU D 162 -54.56 -24.12 9.27
N TYR D 163 0.43 -18.44 -18.17
N TYR D 163 -54.07 -22.87 9.28
CA TYR D 163 -0.27 -17.39 -17.41
CA TYR D 163 -54.76 -21.84 10.07
C TYR D 163 -0.06 -16.00 -17.99
C TYR D 163 -54.53 -20.44 9.50
N CYS D 164 -0.84 -15.05 -17.51
N CYS D 164 -55.31 -19.49 10.01
CA CYS D 164 -0.74 -13.65 -17.94
CA CYS D 164 -55.19 -18.09 9.59
C CYS D 164 -1.53 -12.73 -17.02
C CYS D 164 -55.97 -17.16 10.54
N LEU D 165 -0.97 -11.57 -16.72
N LEU D 165 -55.38 -16.02 10.86
CA LEU D 165 -1.63 -10.62 -15.84
CA LEU D 165 -56.03 -15.07 11.75
C LEU D 165 -2.42 -9.66 -16.71
C LEU D 165 -56.81 -14.10 10.90
N GLN D 166 -3.33 -8.93 -16.08
N GLN D 166 -57.71 -13.36 11.54
CA GLN D 166 -4.16 -7.99 -16.82
CA GLN D 166 -58.53 -12.39 10.82
C GLN D 166 -4.97 -7.16 -15.84
C GLN D 166 -59.33 -11.57 11.81
N HIS D 167 -5.38 -5.97 -16.26
N HIS D 167 -59.71 -10.37 11.41
CA HIS D 167 -6.18 -5.12 -15.42
CA HIS D 167 -60.50 -9.52 12.27
C HIS D 167 -7.55 -5.76 -15.29
C HIS D 167 -61.88 -10.14 12.39
N LEU D 168 -7.99 -5.99 -14.05
N LEU D 168 -62.33 -10.38 13.62
CA LEU D 168 -9.30 -6.60 -13.85
CA LEU D 168 -63.63 -10.98 13.83
C LEU D 168 -10.14 -5.90 -12.79
C LEU D 168 -64.47 -10.30 14.89
N THR D 169 -11.40 -5.66 -13.13
N THR D 169 -65.73 -10.03 14.56
CA THR D 169 -12.35 -5.00 -12.24
CA THR D 169 -66.67 -9.37 15.45
C THR D 169 -12.79 -5.91 -11.11
C THR D 169 -67.12 -10.29 16.58
N PHE D 170 -12.58 -5.47 -9.87
N PHE D 170 -66.89 -9.88 17.81
CA PHE D 170 -12.97 -6.27 -8.72
CA PHE D 170 -67.30 -10.69 18.95
C PHE D 170 -14.20 -5.67 -8.04
C PHE D 170 -68.52 -10.09 19.64
N ALA D 171 -14.56 -6.21 -6.89
N ALA D 171 -68.89 -10.64 20.80
CA ALA D 171 -15.72 -5.71 -6.16
CA ALA D 171 -70.04 -10.13 21.54
C ALA D 171 -15.46 -5.57 -4.66
C ALA D 171 -69.77 -10.02 23.03
N ASP D 172 -15.29 -4.33 -4.20
N ASP D 172 -69.59 -8.78 23.51
CA ASP D 172 -15.06 -4.05 -2.79
CA ASP D 172 -69.36 -8.53 24.93
C ASP D 172 -16.43 -4.08 -2.09
C ASP D 172 -70.71 -8.56 25.62
N GLY D 173 -17.08 -5.23 -2.17
N GLY D 173 -71.38 -9.70 25.54
CA GLY D 173 -18.39 -5.38 -1.56
CA GLY D 173 -72.70 -9.84 26.14
C GLY D 173 -19.42 -4.59 -2.33
C GLY D 173 -73.72 -9.02 25.39
N ASN D 174 -19.64 -3.35 -1.89
N ASN D 174 -73.93 -7.80 25.84
CA ASN D 174 -20.62 -2.46 -2.53
CA ASN D 174 -74.89 -6.88 25.23
C ASN D 174 -19.95 -1.43 -3.44
C ASN D 174 -74.20 -5.84 24.33
N ALA D 175 -18.66 -1.62 -3.73
N ALA D 175 -72.93 -6.05 24.03
CA ALA D 175 -17.94 -0.67 -4.59
CA ALA D 175 -72.19 -5.10 23.19
C ALA D 175 -17.36 -1.31 -5.85
C ALA D 175 -71.63 -5.73 21.92
N THR D 176 -16.25 -0.77 -6.31
N THR D 176 -70.50 -5.19 21.46
CA THR D 176 -15.59 -1.30 -7.51
CA THR D 176 -69.84 -5.70 20.26
C THR D 176 -14.17 -0.74 -7.68
C THR D 176 -68.42 -5.17 20.09
N SER D 177 -13.18 -1.63 -7.65
N SER D 177 -67.44 -6.07 20.11
CA SER D 177 -11.79 -1.23 -7.82
CA SER D 177 -66.05 -5.67 19.94
C SER D 177 -11.05 -2.13 -8.80
C SER D 177 -65.33 -6.57 18.94
N ILE D 178 -10.10 -1.55 -9.54
N ILE D 178 -64.37 -5.99 18.22
CA ILE D 178 -9.31 -2.29 -10.51
CA ILE D 178 -63.59 -6.74 17.23
C ILE D 178 -7.88 -2.52 -10.04
C ILE D 178 -62.16 -6.99 17.70
N ARG D 179 -7.45 -3.77 -10.08
N ARG D 179 -61.75 -8.24 17.64
CA ARG D 179 -6.10 -4.15 -9.67
CA ARG D 179 -60.41 -8.65 18.04
C ARG D 179 -5.64 -5.24 -10.63
C ARG D 179 -59.96 -9.73 17.06
N ILE D 180 -4.36 -5.27 -10.97
N ILE D 180 -58.68 -9.77 16.71
CA ILE D 180 -3.87 -6.30 -11.89
CA ILE D 180 -58.21 -10.79 15.78
C ILE D 180 -3.96 -7.68 -11.25
C ILE D 180 -58.31 -12.18 16.39
N ALA D 181 -4.68 -8.58 -11.91
N ALA D 181 -59.05 -13.06 15.73
CA ALA D 181 -4.84 -9.92 -11.37
CA ALA D 181 -59.23 -14.41 16.22
C ALA D 181 -4.31 -10.97 -12.33
C ALA D 181 -58.71 -15.46 15.25
N PRO D 182 -3.73 -12.06 -11.79
N PRO D 182 -58.14 -16.55 15.78
CA PRO D 182 -3.22 -13.07 -12.72
CA PRO D 182 -57.66 -17.56 14.84
C PRO D 182 -4.40 -13.88 -13.28
C PRO D 182 -58.84 -18.33 14.26
N HIS D 183 -4.14 -14.63 -14.34
N HIS D 183 -58.60 -19.06 13.19
CA HIS D 183 -5.17 -15.45 -14.96
CA HIS D 183 -59.63 -19.87 12.56
C HIS D 183 -4.50 -16.78 -15.29
C HIS D 183 -58.99 -21.22 12.20
N ASN D 184 -5.06 -17.87 -14.77
N ASN D 184 -59.56 -22.30 12.72
CA ASN D 184 -4.51 -19.20 -14.99
CA ASN D 184 -59.02 -23.62 12.46
C ASN D 184 -5.44 -20.05 -15.81
C ASN D 184 -59.97 -24.46 11.63
N CYS D 185 -4.90 -21.14 -16.37
N CYS D 185 -59.45 -25.55 11.06
CA CYS D 185 -5.71 -22.07 -17.15
CA CYS D 185 -60.27 -26.45 10.26
C CYS D 185 -6.22 -23.18 -16.25
C CYS D 185 -60.79 -27.56 11.14
N LEU D 186 -7.54 -23.38 -16.25
N LEU D 186 -62.10 -27.75 11.14
CA LEU D 186 -8.09 -24.43 -15.43
CA LEU D 186 -62.68 -28.80 11.94
C LEU D 186 -7.89 -25.75 -16.14
C LEU D 186 -62.50 -30.10 11.21
N ILE D 187 -7.32 -25.70 -17.34
N ILE D 187 -61.94 -30.05 10.01
CA ILE D 187 -7.09 -26.93 -18.07
CA ILE D 187 -61.72 -31.27 9.26
C ILE D 187 -5.72 -27.02 -18.73
C ILE D 187 -60.34 -31.36 8.59
N VAL D 188 -5.51 -26.35 -19.87
N VAL D 188 -60.12 -30.68 7.47
CA VAL D 188 -4.20 -26.40 -20.54
CA VAL D 188 -58.82 -30.74 6.79
C VAL D 188 -3.08 -26.15 -19.55
C VAL D 188 -57.70 -30.53 7.79
#